data_6OBZ
#
_entry.id   6OBZ
#
_cell.length_a   83.577
_cell.length_b   52.643
_cell.length_c   104.786
_cell.angle_alpha   90.00
_cell.angle_beta   93.77
_cell.angle_gamma   90.00
#
_symmetry.space_group_name_H-M   'P 1 21 1'
#
loop_
_entity.id
_entity.type
_entity.pdbx_description
1 polymer 'Heavy chain of FluA-20 Fab'
2 polymer 'Light chain of FluA-20 Fab, Immunoglobulin light chain'
3 water water
#
loop_
_entity_poly.entity_id
_entity_poly.type
_entity_poly.pdbx_seq_one_letter_code
_entity_poly.pdbx_strand_id
1 'polypeptide(L)'
;QVQLEESGPGLVKPSETLSLTCSVSGVSVTSDIYYWTWIRQPPGKGLEWIGYIFYNGDTNYNPSLKSRVTMSIDTSKNEF
SLRLTSVTAADTAVYFCARGTEDLGYCSSGSCPNHWGQGTLVTVSSASTKGPSVFPLAPSSKSTSGGTAALGCLVKDYFP
EPVTVSWNSGALTSGVHTFPAVLQSSGLYSLSSVVTVPSSSLGTQTYICNVNHKPSNTKVDKRVEPKSCHHHHHH
;
A,H
2 'polypeptide(L)'
;DIVMTQSPSSLSASIGDRVTITCRPSQNIRSFLNWFQHKPGKAPKLLIYAASNLQSGVPSRFSGSGSGTEFTLTIRSLQP
EDFATYYCQQSYNTPPTFGQGTKVEIKRTVAAPSVFIFPPSDEQLKSGTASVVCLLNNFYPREAKVQWKVDNALQSGNSQ
ESVTEQDSKDSTYSLSSTLTLSKADYEKHKVYACEVTHQGLSSPVTKSFNRGEC
;
B,L
#
# COMPACT_ATOMS: atom_id res chain seq x y z
N GLN A 1 2.73 14.26 28.44
CA GLN A 1 1.44 13.89 29.00
C GLN A 1 1.50 12.58 29.78
N VAL A 2 2.45 11.70 29.45
CA VAL A 2 2.77 10.61 30.37
C VAL A 2 4.28 10.37 30.33
N GLN A 3 4.84 10.08 31.51
CA GLN A 3 6.23 9.62 31.61
C GLN A 3 6.22 8.18 32.07
N LEU A 4 7.12 7.39 31.51
CA LEU A 4 7.16 5.94 31.72
C LEU A 4 8.59 5.57 32.08
N GLU A 5 8.87 5.28 33.35
CA GLU A 5 10.23 5.01 33.80
C GLU A 5 10.37 3.49 34.02
N GLU A 6 11.26 2.86 33.24
CA GLU A 6 11.44 1.41 33.32
C GLU A 6 12.55 1.03 34.29
N SER A 7 12.36 -0.10 34.97
CA SER A 7 13.36 -0.56 35.92
C SER A 7 13.32 -2.08 35.99
N GLY A 8 14.44 -2.63 36.44
CA GLY A 8 14.59 -4.06 36.54
C GLY A 8 16.00 -4.49 36.23
N PRO A 9 16.34 -5.70 36.60
CA PRO A 9 17.67 -6.20 36.34
C PRO A 9 18.00 -6.26 34.85
N GLY A 10 19.22 -5.96 34.49
CA GLY A 10 19.63 -6.03 33.11
C GLY A 10 20.25 -7.37 32.82
N LEU A 11 20.38 -8.23 33.84
CA LEU A 11 20.97 -9.55 33.62
C LEU A 11 20.07 -10.57 34.31
N VAL A 12 19.68 -11.63 33.58
CA VAL A 12 18.85 -12.71 34.11
C VAL A 12 19.51 -14.03 33.71
N LYS A 13 19.52 -15.01 34.63
CA LYS A 13 20.14 -16.28 34.28
C LYS A 13 19.16 -17.20 33.52
N PRO A 14 19.66 -18.05 32.62
CA PRO A 14 18.76 -18.95 31.89
C PRO A 14 17.93 -19.81 32.82
N SER A 15 16.67 -20.04 32.45
CA SER A 15 15.61 -20.76 33.13
C SER A 15 14.99 -19.95 34.26
N GLU A 16 15.54 -18.81 34.65
CA GLU A 16 14.97 -18.01 35.73
C GLU A 16 13.92 -17.04 35.18
N THR A 17 13.29 -16.28 36.07
CA THR A 17 12.17 -15.42 35.68
C THR A 17 12.64 -13.98 35.53
N LEU A 18 12.25 -13.35 34.42
CA LEU A 18 12.57 -11.95 34.17
C LEU A 18 11.41 -11.11 34.69
N SER A 19 11.70 -10.08 35.48
CA SER A 19 10.68 -9.16 35.98
C SER A 19 11.09 -7.74 35.63
N LEU A 20 10.16 -6.96 35.09
CA LEU A 20 10.40 -5.55 34.83
C LEU A 20 9.22 -4.72 35.35
N THR A 21 9.51 -3.47 35.69
CA THR A 21 8.49 -2.56 36.17
C THR A 21 8.53 -1.27 35.36
N CYS A 22 7.36 -0.67 35.18
CA CYS A 22 7.19 0.62 34.50
C CYS A 22 6.50 1.56 35.49
N SER A 23 7.23 2.58 35.94
CA SER A 23 6.64 3.59 36.82
C SER A 23 5.99 4.69 35.97
N VAL A 24 4.71 4.96 36.23
CA VAL A 24 3.90 5.85 35.40
C VAL A 24 3.75 7.19 36.09
N SER A 25 4.03 8.30 35.37
CA SER A 25 3.73 9.61 35.93
C SER A 25 2.89 10.43 34.96
N GLY A 26 1.94 11.19 35.50
CA GLY A 26 1.15 12.13 34.72
C GLY A 26 -0.27 11.71 34.50
N VAL A 27 -0.56 10.40 34.59
CA VAL A 27 -1.91 9.87 34.61
C VAL A 27 -1.97 8.74 35.63
N SER A 28 -3.19 8.30 35.93
CA SER A 28 -3.39 7.23 36.89
C SER A 28 -3.50 5.87 36.20
N VAL A 29 -2.83 4.85 36.76
CA VAL A 29 -2.98 3.48 36.27
C VAL A 29 -4.36 2.89 36.54
N THR A 30 -5.22 3.56 37.29
CA THR A 30 -6.58 3.10 37.46
C THR A 30 -7.55 3.76 36.49
N SER A 31 -7.06 4.65 35.63
CA SER A 31 -7.94 5.30 34.67
C SER A 31 -8.39 4.31 33.60
N ASP A 32 -9.71 4.15 33.43
CA ASP A 32 -10.25 3.14 32.53
C ASP A 32 -10.09 3.48 31.05
N ILE A 33 -9.56 4.64 30.69
CA ILE A 33 -9.44 4.95 29.27
C ILE A 33 -8.12 4.48 28.68
N TYR A 34 -7.16 4.08 29.51
CA TYR A 34 -5.85 3.66 29.03
C TYR A 34 -5.70 2.16 29.17
N TYR A 35 -4.79 1.62 28.35
CA TYR A 35 -4.27 0.27 28.54
C TYR A 35 -2.75 0.34 28.52
N TRP A 36 -2.13 -0.70 29.07
CA TRP A 36 -0.70 -0.71 29.34
C TRP A 36 -0.06 -1.90 28.66
N THR A 37 1.07 -1.67 27.97
CA THR A 37 1.61 -2.62 27.02
C THR A 37 3.10 -2.84 27.25
N TRP A 38 3.57 -4.07 26.96
CA TRP A 38 4.99 -4.33 26.82
C TRP A 38 5.29 -4.81 25.41
N ILE A 39 6.43 -4.37 24.87
CA ILE A 39 6.94 -4.75 23.56
C ILE A 39 8.43 -5.02 23.72
N ARG A 40 8.99 -5.88 22.86
CA ARG A 40 10.42 -6.16 22.93
C ARG A 40 11.07 -6.25 21.56
N GLN A 41 12.40 -6.06 21.57
CA GLN A 41 13.16 -6.16 20.33
C GLN A 41 14.52 -6.79 20.66
N PRO A 42 14.74 -8.05 20.27
CA PRO A 42 16.09 -8.59 20.38
C PRO A 42 17.06 -7.78 19.55
N PRO A 43 18.35 -7.71 19.97
CA PRO A 43 19.38 -7.07 19.13
C PRO A 43 19.32 -7.49 17.67
N GLY A 44 19.13 -6.53 16.77
CA GLY A 44 19.15 -6.81 15.35
C GLY A 44 17.95 -7.57 14.81
N LYS A 45 16.93 -7.82 15.63
CA LYS A 45 15.70 -8.49 15.21
C LYS A 45 14.53 -7.50 15.21
N GLY A 46 13.35 -8.01 14.88
CA GLY A 46 12.17 -7.15 14.79
C GLY A 46 11.53 -6.90 16.15
N LEU A 47 10.50 -6.04 16.15
CA LEU A 47 9.71 -5.78 17.35
C LEU A 47 8.69 -6.89 17.55
N GLU A 48 8.52 -7.31 18.82
CA GLU A 48 7.55 -8.33 19.16
C GLU A 48 6.65 -7.81 20.26
N TRP A 49 5.36 -7.66 19.95
CA TRP A 49 4.38 -7.21 20.92
C TRP A 49 4.13 -8.30 21.96
N ILE A 50 4.11 -7.94 23.26
CA ILE A 50 3.97 -8.94 24.31
C ILE A 50 2.54 -9.05 24.83
N GLY A 51 1.91 -7.92 25.14
CA GLY A 51 0.51 -7.95 25.54
C GLY A 51 0.04 -6.59 26.03
N TYR A 52 -1.23 -6.56 26.40
CA TYR A 52 -1.81 -5.36 27.03
C TYR A 52 -2.53 -5.78 28.30
N ILE A 53 -2.69 -4.83 29.22
CA ILE A 53 -3.51 -5.06 30.41
C ILE A 53 -4.30 -3.81 30.70
N PHE A 54 -5.60 -3.98 30.99
CA PHE A 54 -6.46 -2.93 31.50
C PHE A 54 -6.62 -3.10 33.00
N TYR A 55 -6.72 -1.97 33.71
CA TYR A 55 -6.94 -2.03 35.14
C TYR A 55 -8.20 -2.84 35.49
N ASN A 56 -9.24 -2.76 34.67
CA ASN A 56 -10.47 -3.50 34.96
C ASN A 56 -10.29 -5.01 34.90
N GLY A 57 -9.10 -5.51 34.53
CA GLY A 57 -8.77 -6.92 34.53
C GLY A 57 -8.60 -7.53 33.17
N ASP A 58 -9.09 -6.87 32.12
CA ASP A 58 -8.99 -7.45 30.78
C ASP A 58 -7.54 -7.42 30.30
N THR A 59 -7.06 -8.57 29.84
CA THR A 59 -5.69 -8.71 29.35
C THR A 59 -5.70 -9.47 28.03
N ASN A 60 -4.60 -9.36 27.29
CA ASN A 60 -4.43 -10.17 26.09
C ASN A 60 -2.94 -10.27 25.83
N TYR A 61 -2.39 -11.49 25.79
CA TYR A 61 -0.97 -11.69 25.59
C TYR A 61 -0.75 -12.41 24.26
N ASN A 62 0.31 -12.02 23.57
CA ASN A 62 0.72 -12.67 22.33
C ASN A 62 0.74 -14.17 22.51
N PRO A 63 0.10 -14.95 21.62
CA PRO A 63 0.11 -16.42 21.78
C PRO A 63 1.51 -17.00 21.81
N SER A 64 2.49 -16.33 21.20
CA SER A 64 3.88 -16.79 21.27
C SER A 64 4.40 -16.79 22.70
N LEU A 65 3.83 -15.97 23.59
CA LEU A 65 4.37 -15.77 24.93
C LEU A 65 3.34 -16.01 26.04
N LYS A 66 2.06 -16.18 25.71
CA LYS A 66 1.01 -16.19 26.71
C LYS A 66 1.24 -17.25 27.77
N SER A 67 1.83 -18.39 27.39
CA SER A 67 2.09 -19.48 28.32
C SER A 67 3.30 -19.22 29.21
N ARG A 68 3.98 -18.09 29.07
CA ARG A 68 5.07 -17.74 29.97
C ARG A 68 4.96 -16.35 30.59
N VAL A 69 3.97 -15.55 30.21
CA VAL A 69 3.95 -14.16 30.63
C VAL A 69 2.75 -13.87 31.50
N THR A 70 2.96 -12.97 32.47
CA THR A 70 1.87 -12.30 33.19
C THR A 70 2.23 -10.83 33.36
N MET A 71 1.21 -10.02 33.55
CA MET A 71 1.38 -8.59 33.80
C MET A 71 0.53 -8.19 34.99
N SER A 72 0.92 -7.12 35.66
CA SER A 72 0.09 -6.70 36.78
C SER A 72 0.22 -5.19 36.95
N ILE A 73 -0.75 -4.64 37.66
CA ILE A 73 -0.83 -3.21 37.96
C ILE A 73 -0.80 -3.05 39.48
N ASP A 74 0.08 -2.18 39.96
CA ASP A 74 0.20 -1.83 41.37
C ASP A 74 -0.34 -0.42 41.54
N THR A 75 -1.54 -0.29 42.10
CA THR A 75 -2.17 1.03 42.16
C THR A 75 -1.47 1.95 43.15
N SER A 76 -0.98 1.39 44.27
CA SER A 76 -0.35 2.23 45.29
C SER A 76 0.86 2.95 44.74
N LYS A 77 1.61 2.30 43.85
CA LYS A 77 2.81 2.89 43.28
C LYS A 77 2.61 3.50 41.90
N ASN A 78 1.40 3.38 41.32
CA ASN A 78 1.14 3.84 39.97
C ASN A 78 2.15 3.26 38.99
N GLU A 79 2.24 1.94 39.02
CA GLU A 79 3.18 1.14 38.24
C GLU A 79 2.45 -0.02 37.58
N PHE A 80 3.10 -0.58 36.56
CA PHE A 80 2.69 -1.87 36.06
C PHE A 80 3.94 -2.66 35.71
N SER A 81 3.78 -3.97 35.55
CA SER A 81 4.93 -4.84 35.54
C SER A 81 4.73 -5.97 34.56
N LEU A 82 5.87 -6.58 34.21
CA LEU A 82 5.99 -7.72 33.32
C LEU A 82 6.71 -8.85 34.07
N ARG A 83 6.20 -10.07 33.91
CA ARG A 83 6.83 -11.28 34.45
C ARG A 83 6.95 -12.31 33.34
N LEU A 84 8.17 -12.79 33.08
CA LEU A 84 8.40 -13.71 31.98
C LEU A 84 9.21 -14.90 32.49
N THR A 85 8.62 -16.10 32.44
CA THR A 85 9.29 -17.25 33.05
C THR A 85 10.25 -17.96 32.09
N SER A 86 11.16 -18.73 32.68
CA SER A 86 11.97 -19.73 31.99
C SER A 86 12.72 -19.13 30.79
N VAL A 87 13.49 -18.09 31.07
CA VAL A 87 14.09 -17.32 29.97
C VAL A 87 15.24 -18.08 29.32
N THR A 88 15.48 -17.80 28.04
CA THR A 88 16.61 -18.33 27.28
C THR A 88 17.25 -17.17 26.53
N ALA A 89 18.27 -17.51 25.74
CA ALA A 89 18.95 -16.48 24.95
C ALA A 89 17.98 -15.75 24.01
N ALA A 90 16.89 -16.41 23.61
CA ALA A 90 15.87 -15.74 22.79
C ALA A 90 15.19 -14.60 23.52
N ASP A 91 15.30 -14.53 24.83
CA ASP A 91 14.64 -13.48 25.58
C ASP A 91 15.55 -12.28 25.83
N THR A 92 16.81 -12.35 25.39
CA THR A 92 17.66 -11.17 25.36
C THR A 92 17.08 -10.14 24.40
N ALA A 93 16.80 -8.93 24.90
CA ALA A 93 16.08 -7.93 24.11
C ALA A 93 16.01 -6.63 24.89
N VAL A 94 15.72 -5.55 24.18
CA VAL A 94 15.26 -4.32 24.81
C VAL A 94 13.76 -4.44 24.99
N TYR A 95 13.29 -4.17 26.22
CA TYR A 95 11.89 -4.25 26.57
C TYR A 95 11.34 -2.84 26.74
N PHE A 96 10.25 -2.53 26.05
CA PHE A 96 9.59 -1.22 26.07
C PHE A 96 8.26 -1.35 26.79
N CYS A 97 7.98 -0.44 27.73
CA CYS A 97 6.61 -0.30 28.19
C CYS A 97 5.93 0.85 27.43
N ALA A 98 4.61 0.81 27.38
CA ALA A 98 3.90 1.82 26.59
C ALA A 98 2.48 1.99 27.11
N ARG A 99 1.93 3.17 26.89
CA ARG A 99 0.52 3.45 27.18
C ARG A 99 -0.24 3.58 25.87
N GLY A 100 -1.49 3.10 25.86
CA GLY A 100 -2.40 3.40 24.77
C GLY A 100 -3.72 3.94 25.31
N THR A 101 -4.49 4.56 24.42
CA THR A 101 -5.82 5.12 24.73
C THR A 101 -6.86 4.38 23.92
N GLU A 102 -7.80 3.73 24.60
CA GLU A 102 -8.82 2.96 23.92
C GLU A 102 -9.64 3.86 22.98
N ASP A 103 -9.78 3.42 21.73
CA ASP A 103 -10.53 4.20 20.74
C ASP A 103 -10.93 3.31 19.58
N LEU A 104 -12.06 2.60 19.72
CA LEU A 104 -12.42 1.54 18.79
C LEU A 104 -12.69 2.04 17.37
N GLY A 105 -12.85 3.35 17.17
CA GLY A 105 -13.02 3.87 15.82
C GLY A 105 -11.76 3.89 14.99
N TYR A 106 -10.59 3.90 15.64
CA TYR A 106 -9.31 3.99 14.95
C TYR A 106 -8.36 2.84 15.30
N CYS A 107 -8.82 1.87 16.08
CA CYS A 107 -7.94 0.85 16.62
C CYS A 107 -8.77 -0.26 17.22
N SER A 108 -8.35 -1.51 17.00
CA SER A 108 -8.96 -2.58 17.78
C SER A 108 -8.54 -2.40 19.25
N SER A 109 -9.25 -3.09 20.14
CA SER A 109 -9.05 -2.90 21.57
C SER A 109 -7.59 -3.18 21.94
N GLY A 110 -6.99 -2.25 22.69
CA GLY A 110 -5.68 -2.46 23.28
C GLY A 110 -4.53 -2.62 22.31
N SER A 111 -4.63 -2.09 21.09
CA SER A 111 -3.71 -2.48 20.03
C SER A 111 -2.93 -1.32 19.41
N CYS A 112 -2.88 -0.15 20.06
CA CYS A 112 -2.22 1.03 19.49
C CYS A 112 -1.40 1.75 20.54
N PRO A 113 -0.34 1.13 21.04
CA PRO A 113 0.51 1.80 22.03
C PRO A 113 1.14 3.05 21.42
N ASN A 114 0.82 4.22 22.00
CA ASN A 114 1.17 5.49 21.36
C ASN A 114 2.10 6.36 22.20
N HIS A 115 2.48 5.92 23.40
CA HIS A 115 3.50 6.60 24.21
C HIS A 115 4.36 5.50 24.79
N TRP A 116 5.62 5.44 24.36
CA TRP A 116 6.53 4.40 24.79
C TRP A 116 7.62 4.95 25.70
N GLY A 117 8.08 4.07 26.60
CA GLY A 117 9.30 4.34 27.34
C GLY A 117 10.51 4.14 26.45
N GLN A 118 11.67 4.54 26.94
CA GLN A 118 12.79 4.47 26.02
C GLN A 118 13.42 3.10 25.96
N GLY A 119 13.00 2.15 26.79
CA GLY A 119 13.44 0.77 26.71
C GLY A 119 14.58 0.43 27.66
N THR A 120 14.62 -0.83 28.11
CA THR A 120 15.73 -1.31 28.92
C THR A 120 16.20 -2.65 28.37
N LEU A 121 17.51 -2.81 28.24
CA LEU A 121 18.09 -4.05 27.73
C LEU A 121 18.14 -5.08 28.84
N VAL A 122 17.68 -6.29 28.54
CA VAL A 122 17.85 -7.42 29.44
C VAL A 122 18.66 -8.47 28.71
N THR A 123 19.76 -8.91 29.31
CA THR A 123 20.63 -9.92 28.73
C THR A 123 20.46 -11.21 29.53
N VAL A 124 20.17 -12.31 28.84
CA VAL A 124 20.05 -13.62 29.49
C VAL A 124 21.40 -14.31 29.36
N SER A 125 22.05 -14.59 30.49
CA SER A 125 23.39 -15.16 30.50
C SER A 125 23.66 -15.77 31.86
N SER A 126 24.51 -16.81 31.86
CA SER A 126 24.95 -17.38 33.13
C SER A 126 26.15 -16.64 33.73
N ALA A 127 26.77 -15.74 32.97
CA ALA A 127 27.92 -14.98 33.42
C ALA A 127 27.52 -13.92 34.45
N SER A 128 28.44 -13.58 35.33
CA SER A 128 28.19 -12.53 36.30
C SER A 128 28.45 -11.17 35.67
N THR A 129 27.99 -10.12 36.36
CA THR A 129 28.35 -8.77 35.95
C THR A 129 29.85 -8.56 36.12
N LYS A 130 30.40 -7.67 35.30
CA LYS A 130 31.78 -7.23 35.46
C LYS A 130 31.85 -5.76 35.09
N GLY A 131 32.40 -4.95 35.98
CA GLY A 131 32.58 -3.54 35.73
C GLY A 131 33.80 -3.26 34.86
N PRO A 132 33.76 -2.12 34.19
CA PRO A 132 34.82 -1.80 33.22
C PRO A 132 36.10 -1.31 33.88
N SER A 133 37.19 -1.46 33.13
CA SER A 133 38.42 -0.72 33.40
C SER A 133 38.46 0.47 32.44
N VAL A 134 38.93 1.62 32.92
CA VAL A 134 38.82 2.84 32.13
C VAL A 134 40.21 3.42 31.95
N PHE A 135 40.60 3.64 30.70
CA PHE A 135 41.94 4.16 30.43
C PHE A 135 41.86 5.45 29.61
N PRO A 136 42.79 6.38 29.84
CA PRO A 136 42.78 7.63 29.09
C PRO A 136 43.24 7.44 27.66
N LEU A 137 42.61 8.18 26.76
CA LEU A 137 43.07 8.42 25.39
C LEU A 137 43.62 9.85 25.39
N ALA A 138 44.91 9.98 25.65
CA ALA A 138 45.43 11.31 25.95
C ALA A 138 45.59 12.15 24.68
N PRO A 139 45.44 13.47 24.78
CA PRO A 139 45.61 14.31 23.60
C PRO A 139 47.07 14.33 23.15
N SER A 140 47.26 14.32 21.83
CA SER A 140 48.59 14.34 21.21
C SER A 140 49.35 15.61 21.60
N GLY A 147 44.32 23.56 15.47
CA GLY A 147 43.31 24.20 16.28
C GLY A 147 42.47 23.28 17.14
N THR A 148 42.24 22.04 16.70
CA THR A 148 41.34 21.12 17.39
C THR A 148 42.10 19.89 17.83
N ALA A 149 41.92 19.50 19.10
CA ALA A 149 42.54 18.31 19.68
C ALA A 149 41.46 17.28 20.02
N ALA A 150 41.82 16.01 19.96
CA ALA A 150 40.91 14.94 20.36
C ALA A 150 41.47 14.22 21.58
N LEU A 151 40.58 13.81 22.48
CA LEU A 151 40.97 13.05 23.65
C LEU A 151 39.80 12.13 23.97
N GLY A 152 40.03 11.19 24.88
CA GLY A 152 38.94 10.27 25.12
C GLY A 152 39.22 9.35 26.28
N CYS A 153 38.31 8.38 26.44
CA CYS A 153 38.43 7.31 27.42
C CYS A 153 38.09 5.98 26.77
N LEU A 154 38.94 4.98 27.02
CA LEU A 154 38.72 3.62 26.58
C LEU A 154 38.09 2.85 27.73
N VAL A 155 36.93 2.24 27.48
CA VAL A 155 36.13 1.59 28.51
C VAL A 155 36.14 0.10 28.18
N LYS A 156 36.96 -0.68 28.88
CA LYS A 156 37.31 -2.02 28.44
C LYS A 156 36.84 -3.08 29.42
N ASP A 157 36.31 -4.18 28.86
CA ASP A 157 36.07 -5.44 29.57
C ASP A 157 34.92 -5.36 30.55
N TYR A 158 33.73 -5.05 30.08
CA TYR A 158 32.58 -5.07 30.97
C TYR A 158 31.49 -5.99 30.42
N PHE A 159 30.57 -6.31 31.32
CA PHE A 159 29.44 -7.18 31.02
C PHE A 159 28.33 -7.05 32.08
N PRO A 160 27.06 -7.00 31.64
CA PRO A 160 26.59 -6.89 30.27
C PRO A 160 26.53 -5.42 29.88
N GLU A 161 25.96 -5.13 28.72
CA GLU A 161 25.66 -3.76 28.36
C GLU A 161 24.50 -3.25 29.22
N PRO A 162 24.35 -1.91 29.32
CA PRO A 162 25.20 -0.85 28.76
C PRO A 162 26.08 -0.17 29.81
N VAL A 163 27.06 0.60 29.33
CA VAL A 163 27.71 1.61 30.15
C VAL A 163 27.22 2.97 29.66
N THR A 164 27.24 3.94 30.55
CA THR A 164 27.00 5.33 30.16
C THR A 164 28.28 6.11 30.40
N VAL A 165 28.58 7.04 29.50
CA VAL A 165 29.77 7.87 29.61
C VAL A 165 29.33 9.33 29.52
N SER A 166 29.75 10.13 30.50
CA SER A 166 29.62 11.58 30.44
C SER A 166 31.00 12.23 30.55
N TRP A 167 31.08 13.52 30.26
CA TRP A 167 32.32 14.26 30.35
C TRP A 167 32.14 15.44 31.30
N ASN A 168 33.09 15.59 32.22
CA ASN A 168 33.09 16.70 33.18
C ASN A 168 31.78 16.72 33.97
N SER A 169 31.33 15.54 34.35
CA SER A 169 30.12 15.33 35.15
C SER A 169 28.86 15.79 34.42
N GLY A 170 28.90 15.75 33.09
CA GLY A 170 27.77 16.17 32.28
C GLY A 170 27.85 17.58 31.74
N ALA A 171 28.83 18.37 32.17
CA ALA A 171 28.93 19.75 31.70
C ALA A 171 29.40 19.80 30.24
N LEU A 172 30.23 18.85 29.82
CA LEU A 172 30.78 18.85 28.48
C LEU A 172 30.00 17.87 27.62
N THR A 173 29.32 18.41 26.60
CA THR A 173 28.50 17.59 25.70
C THR A 173 28.82 17.87 24.24
N SER A 174 29.18 19.11 23.91
CA SER A 174 29.52 19.43 22.53
C SER A 174 30.78 18.68 22.10
N GLY A 175 30.71 18.02 20.95
CA GLY A 175 31.86 17.36 20.38
C GLY A 175 32.10 15.95 20.88
N VAL A 176 31.18 15.37 21.66
CA VAL A 176 31.37 14.05 22.24
C VAL A 176 30.84 13.00 21.28
N HIS A 177 31.60 11.92 21.09
CA HIS A 177 31.11 10.71 20.43
C HIS A 177 31.42 9.52 21.33
N THR A 178 30.37 8.83 21.76
CA THR A 178 30.54 7.59 22.49
C THR A 178 30.15 6.45 21.56
N PHE A 179 31.12 5.61 21.23
CA PHE A 179 30.95 4.59 20.23
C PHE A 179 30.10 3.44 20.76
N PRO A 180 29.32 2.80 19.88
CA PRO A 180 28.65 1.56 20.27
C PRO A 180 29.66 0.53 20.73
N ALA A 181 29.27 -0.22 21.75
CA ALA A 181 30.16 -1.26 22.27
C ALA A 181 30.39 -2.33 21.23
N VAL A 182 31.58 -2.93 21.29
CA VAL A 182 31.94 -4.10 20.49
C VAL A 182 32.15 -5.27 21.42
N LEU A 183 31.65 -6.44 21.02
CA LEU A 183 31.89 -7.66 21.79
C LEU A 183 33.26 -8.22 21.41
N GLN A 184 34.13 -8.35 22.39
CA GLN A 184 35.45 -8.89 22.16
C GLN A 184 35.40 -10.41 22.16
N SER A 185 36.50 -11.03 21.69
CA SER A 185 36.55 -12.49 21.66
C SER A 185 36.46 -13.10 23.05
N SER A 186 36.76 -12.32 24.09
CA SER A 186 36.69 -12.78 25.47
C SER A 186 35.26 -12.88 26.00
N GLY A 187 34.26 -12.41 25.26
CA GLY A 187 32.90 -12.36 25.75
C GLY A 187 32.57 -11.11 26.55
N LEU A 188 33.50 -10.17 26.67
CA LEU A 188 33.29 -8.92 27.38
C LEU A 188 33.22 -7.78 26.37
N TYR A 189 32.55 -6.71 26.76
CA TYR A 189 32.36 -5.58 25.86
C TYR A 189 33.45 -4.53 26.07
N SER A 190 33.63 -3.69 25.04
CA SER A 190 34.54 -2.56 25.10
C SER A 190 33.99 -1.46 24.22
N LEU A 191 34.25 -0.21 24.62
CA LEU A 191 33.97 0.94 23.77
C LEU A 191 34.92 2.08 24.13
N SER A 192 34.95 3.10 23.28
CA SER A 192 35.62 4.35 23.57
C SER A 192 34.64 5.51 23.49
N SER A 193 34.90 6.53 24.29
CA SER A 193 34.21 7.81 24.19
C SER A 193 35.25 8.87 23.90
N VAL A 194 35.00 9.69 22.89
CA VAL A 194 35.95 10.71 22.50
C VAL A 194 35.29 12.08 22.52
N VAL A 195 36.11 13.11 22.60
CA VAL A 195 35.63 14.47 22.44
C VAL A 195 36.71 15.28 21.76
N THR A 196 36.29 16.16 20.86
CA THR A 196 37.20 17.14 20.30
C THR A 196 37.00 18.46 21.02
N VAL A 197 38.10 19.15 21.32
CA VAL A 197 38.11 20.40 22.08
C VAL A 197 39.17 21.31 21.46
N PRO A 198 39.13 22.60 21.77
CA PRO A 198 40.21 23.50 21.30
C PRO A 198 41.55 23.10 21.88
N SER A 199 42.57 23.06 21.02
CA SER A 199 43.92 22.79 21.51
C SER A 199 44.31 23.83 22.56
N SER A 200 43.86 25.07 22.40
CA SER A 200 44.18 26.14 23.34
C SER A 200 43.63 25.88 24.74
N SER A 201 42.78 24.87 24.93
CA SER A 201 42.17 24.58 26.22
C SER A 201 42.95 23.54 27.04
N LEU A 202 43.89 22.83 26.41
CA LEU A 202 44.45 21.66 27.08
C LEU A 202 45.25 22.04 28.33
N GLY A 203 45.84 23.25 28.34
CA GLY A 203 46.62 23.67 29.50
C GLY A 203 45.83 24.09 30.72
N THR A 204 44.57 24.49 30.55
CA THR A 204 43.82 25.10 31.63
C THR A 204 42.46 24.46 31.92
N GLN A 205 41.91 23.67 31.02
CA GLN A 205 40.66 22.96 31.25
C GLN A 205 40.96 21.54 31.68
N THR A 206 40.35 21.10 32.77
CA THR A 206 40.42 19.72 33.20
C THR A 206 39.36 18.90 32.46
N TYR A 207 39.76 17.72 31.96
CA TYR A 207 38.84 16.82 31.29
C TYR A 207 38.79 15.52 32.06
N ILE A 208 37.58 15.10 32.43
CA ILE A 208 37.37 13.86 33.17
C ILE A 208 36.23 13.10 32.50
N CYS A 209 36.42 11.82 32.23
CA CYS A 209 35.30 11.01 31.76
C CYS A 209 34.68 10.26 32.93
N ASN A 210 33.35 10.23 32.96
CA ASN A 210 32.61 9.58 34.04
C ASN A 210 31.89 8.38 33.47
N VAL A 211 32.27 7.18 33.89
CA VAL A 211 31.78 5.95 33.32
C VAL A 211 30.91 5.25 34.38
N ASN A 212 29.66 5.01 34.03
CA ASN A 212 28.70 4.40 34.94
C ASN A 212 28.28 3.06 34.36
N HIS A 213 28.34 2.00 35.18
CA HIS A 213 27.91 0.67 34.76
C HIS A 213 26.92 0.17 35.81
N LYS A 214 25.64 0.40 35.52
CA LYS A 214 24.60 0.08 36.49
C LYS A 214 24.53 -1.40 36.85
N PRO A 215 24.71 -2.37 35.95
CA PRO A 215 24.62 -3.77 36.37
C PRO A 215 25.60 -4.15 37.47
N SER A 216 26.77 -3.52 37.52
CA SER A 216 27.74 -3.82 38.56
C SER A 216 27.78 -2.77 39.64
N ASN A 217 26.86 -1.80 39.60
CA ASN A 217 26.87 -0.67 40.53
C ASN A 217 28.27 -0.04 40.60
N THR A 218 28.89 0.12 39.42
CA THR A 218 30.23 0.65 39.28
C THR A 218 30.17 2.05 38.69
N LYS A 219 30.93 2.97 39.28
CA LYS A 219 31.15 4.30 38.73
C LYS A 219 32.64 4.62 38.80
N VAL A 220 33.21 5.04 37.68
CA VAL A 220 34.65 5.27 37.56
C VAL A 220 34.87 6.62 36.90
N ASP A 221 35.70 7.45 37.52
CA ASP A 221 36.10 8.74 36.95
C ASP A 221 37.56 8.65 36.51
N LYS A 222 37.85 9.10 35.29
CA LYS A 222 39.21 9.09 34.76
C LYS A 222 39.60 10.46 34.25
N ARG A 223 40.65 11.03 34.81
CA ARG A 223 41.18 12.28 34.32
C ARG A 223 41.98 11.98 33.04
N VAL A 224 41.87 12.82 32.04
CA VAL A 224 42.48 12.62 30.74
C VAL A 224 43.31 13.87 30.48
N GLU A 225 44.63 13.72 30.52
CA GLU A 225 45.49 14.88 30.42
C GLU A 225 46.64 14.57 29.47
N PRO A 226 47.34 15.60 28.99
CA PRO A 226 48.55 15.33 28.18
C PRO A 226 49.61 14.55 28.93
N LYS A 227 50.39 13.77 28.17
CA LYS A 227 51.57 13.02 28.62
C LYS A 227 51.21 11.83 29.50
N ASP B 1 0.42 -12.79 13.82
CA ASP B 1 0.04 -13.79 12.84
C ASP B 1 -0.29 -13.15 11.50
N ILE B 2 -0.76 -11.91 11.52
CA ILE B 2 -0.78 -11.09 10.30
C ILE B 2 0.66 -10.67 10.04
N VAL B 3 1.17 -10.97 8.84
CA VAL B 3 2.56 -10.70 8.48
C VAL B 3 2.63 -9.37 7.76
N MET B 4 3.51 -8.48 8.22
CA MET B 4 3.68 -7.16 7.63
C MET B 4 4.95 -7.14 6.80
N THR B 5 4.82 -6.83 5.51
CA THR B 5 5.97 -6.78 4.62
C THR B 5 6.23 -5.33 4.25
N GLN B 6 7.33 -4.77 4.76
CA GLN B 6 7.74 -3.39 4.51
C GLN B 6 8.78 -3.34 3.41
N SER B 7 8.79 -2.24 2.66
CA SER B 7 9.84 -2.02 1.66
C SER B 7 10.08 -0.54 1.39
N PRO B 8 11.35 -0.15 1.15
CA PRO B 8 12.54 -1.02 1.13
C PRO B 8 13.04 -1.29 2.54
N SER B 9 14.01 -2.19 2.70
CA SER B 9 14.59 -2.40 4.02
C SER B 9 15.46 -1.23 4.44
N SER B 10 16.03 -0.50 3.48
CA SER B 10 16.94 0.60 3.72
C SER B 10 16.92 1.54 2.53
N LEU B 11 17.16 2.83 2.80
CA LEU B 11 17.27 3.80 1.72
C LEU B 11 18.13 4.97 2.15
N SER B 12 18.71 5.65 1.17
CA SER B 12 19.44 6.91 1.38
C SER B 12 18.83 7.99 0.48
N ALA B 13 18.63 9.18 1.03
CA ALA B 13 18.08 10.27 0.23
C ALA B 13 18.61 11.61 0.72
N SER B 14 18.64 12.59 -0.20
CA SER B 14 19.17 13.88 0.16
C SER B 14 18.15 14.71 0.94
N ILE B 15 18.66 15.71 1.66
CA ILE B 15 17.81 16.68 2.33
C ILE B 15 16.88 17.33 1.34
N GLY B 16 15.59 17.39 1.68
CA GLY B 16 14.56 17.90 0.81
C GLY B 16 13.89 16.87 -0.06
N ASP B 17 14.47 15.68 -0.20
CA ASP B 17 13.88 14.67 -1.07
C ASP B 17 12.58 14.12 -0.50
N ARG B 18 11.74 13.64 -1.41
CA ARG B 18 10.50 12.96 -1.06
C ARG B 18 10.80 11.47 -0.93
N VAL B 19 10.52 10.90 0.25
CA VAL B 19 10.84 9.52 0.58
C VAL B 19 9.54 8.74 0.69
N THR B 20 9.54 7.49 0.21
CA THR B 20 8.34 6.66 0.16
C THR B 20 8.64 5.29 0.74
N ILE B 21 7.85 4.89 1.74
CA ILE B 21 8.00 3.58 2.37
C ILE B 21 6.65 2.87 2.29
N THR B 22 6.67 1.62 1.87
CA THR B 22 5.43 0.87 1.71
C THR B 22 5.31 -0.27 2.70
N CYS B 23 4.07 -0.63 3.02
CA CYS B 23 3.77 -1.72 3.92
C CYS B 23 2.59 -2.49 3.34
N ARG B 24 2.72 -3.81 3.28
CA ARG B 24 1.67 -4.68 2.76
C ARG B 24 1.39 -5.77 3.79
N PRO B 25 0.24 -5.74 4.46
CA PRO B 25 -0.12 -6.84 5.35
C PRO B 25 -0.49 -8.07 4.55
N SER B 26 -0.43 -9.22 5.23
CA SER B 26 -0.77 -10.50 4.61
C SER B 26 -2.27 -10.72 4.49
N GLN B 27 -3.09 -9.87 5.10
CA GLN B 27 -4.53 -9.88 4.88
C GLN B 27 -5.05 -8.47 5.06
N ASN B 28 -6.29 -8.25 4.64
CA ASN B 28 -6.88 -6.91 4.65
C ASN B 28 -7.05 -6.42 6.08
N ILE B 29 -6.59 -5.19 6.35
CA ILE B 29 -6.68 -4.65 7.71
C ILE B 29 -7.44 -3.32 7.75
N ARG B 30 -8.21 -3.03 6.70
CA ARG B 30 -9.03 -1.81 6.66
C ARG B 30 -8.08 -0.63 6.80
N SER B 31 -8.30 0.29 7.73
CA SER B 31 -7.41 1.41 7.96
C SER B 31 -6.60 1.26 9.25
N PHE B 32 -6.60 0.09 9.87
CA PHE B 32 -5.99 -0.09 11.20
C PHE B 32 -4.50 -0.38 11.04
N LEU B 33 -3.78 0.69 10.70
CA LEU B 33 -2.35 0.60 10.42
C LEU B 33 -1.70 1.85 10.98
N ASN B 34 -0.65 1.67 11.79
CA ASN B 34 0.09 2.76 12.39
C ASN B 34 1.52 2.75 11.88
N TRP B 35 2.14 3.93 11.93
CA TRP B 35 3.54 4.12 11.53
C TRP B 35 4.33 4.69 12.69
N PHE B 36 5.50 4.10 12.96
CA PHE B 36 6.38 4.49 14.06
C PHE B 36 7.74 4.95 13.55
N GLN B 37 8.36 5.85 14.30
CA GLN B 37 9.74 6.28 14.07
C GLN B 37 10.58 5.89 15.28
N HIS B 38 11.76 5.32 15.06
CA HIS B 38 12.63 4.94 16.17
C HIS B 38 14.05 5.45 15.92
N LYS B 39 14.39 6.56 16.58
CA LYS B 39 15.75 7.11 16.55
C LYS B 39 16.60 6.40 17.60
N PRO B 40 17.90 6.24 17.34
CA PRO B 40 18.73 5.37 18.18
C PRO B 40 18.68 5.77 19.65
N GLY B 41 18.37 4.79 20.50
CA GLY B 41 18.33 4.99 21.94
C GLY B 41 17.20 5.84 22.47
N LYS B 42 16.28 6.30 21.61
CA LYS B 42 15.12 7.08 22.01
C LYS B 42 13.87 6.22 22.05
N ALA B 43 12.84 6.74 22.71
CA ALA B 43 11.56 6.07 22.71
C ALA B 43 11.02 6.01 21.28
N PRO B 44 10.61 4.85 20.79
CA PRO B 44 9.85 4.82 19.53
C PRO B 44 8.66 5.76 19.61
N LYS B 45 8.39 6.44 18.52
CA LYS B 45 7.42 7.52 18.50
C LYS B 45 6.36 7.22 17.46
N LEU B 46 5.09 7.35 17.84
CA LEU B 46 4.01 7.13 16.89
C LEU B 46 3.89 8.36 15.98
N LEU B 47 4.03 8.15 14.67
CA LEU B 47 3.92 9.23 13.69
C LEU B 47 2.52 9.35 13.12
N ILE B 48 1.95 8.23 12.69
CA ILE B 48 0.67 8.19 11.98
C ILE B 48 -0.16 7.05 12.55
N TYR B 49 -1.44 7.30 12.82
CA TYR B 49 -2.30 6.22 13.26
C TYR B 49 -3.52 6.13 12.36
N ALA B 50 -4.10 4.93 12.30
CA ALA B 50 -5.24 4.65 11.43
C ALA B 50 -4.99 5.14 10.01
N ALA B 51 -3.82 4.77 9.46
CA ALA B 51 -3.41 4.93 8.07
C ALA B 51 -3.02 6.35 7.70
N SER B 52 -3.79 7.36 8.12
CA SER B 52 -3.58 8.71 7.59
C SER B 52 -3.66 9.83 8.62
N ASN B 53 -3.85 9.53 9.90
CA ASN B 53 -4.04 10.58 10.90
C ASN B 53 -2.69 10.96 11.51
N LEU B 54 -2.29 12.21 11.30
CA LEU B 54 -1.03 12.70 11.88
C LEU B 54 -1.17 12.81 13.40
N GLN B 55 -0.25 12.17 14.12
CA GLN B 55 -0.23 12.25 15.58
C GLN B 55 0.15 13.65 16.05
N SER B 56 -0.34 14.02 17.23
CA SER B 56 -0.07 15.36 17.74
C SER B 56 1.42 15.58 17.98
N GLY B 57 1.90 16.75 17.59
CA GLY B 57 3.30 17.08 17.73
C GLY B 57 4.21 16.60 16.62
N VAL B 58 3.72 15.77 15.70
CA VAL B 58 4.55 15.27 14.61
C VAL B 58 4.54 16.25 13.44
N PRO B 59 5.68 16.57 12.83
CA PRO B 59 5.68 17.54 11.73
C PRO B 59 4.87 17.06 10.53
N SER B 60 4.25 18.01 9.82
CA SER B 60 3.33 17.69 8.74
C SER B 60 4.01 17.15 7.49
N ARG B 61 5.35 17.14 7.43
CA ARG B 61 6.00 16.48 6.30
C ARG B 61 5.81 14.97 6.30
N PHE B 62 5.40 14.39 7.43
CA PHE B 62 5.11 12.97 7.52
C PHE B 62 3.64 12.75 7.17
N SER B 63 3.38 11.83 6.23
CA SER B 63 1.99 11.58 5.88
C SER B 63 1.79 10.13 5.51
N GLY B 64 0.64 9.59 5.89
CA GLY B 64 0.31 8.20 5.60
C GLY B 64 -0.89 8.12 4.68
N SER B 65 -0.89 7.10 3.84
CA SER B 65 -1.99 6.91 2.91
C SER B 65 -2.20 5.41 2.75
N GLY B 66 -3.32 5.06 2.11
CA GLY B 66 -3.62 3.68 1.80
C GLY B 66 -4.66 3.08 2.73
N SER B 67 -5.08 1.87 2.35
CA SER B 67 -6.02 1.10 3.15
C SER B 67 -6.06 -0.31 2.59
N GLY B 68 -6.56 -1.23 3.40
CA GLY B 68 -6.74 -2.59 2.94
C GLY B 68 -5.48 -3.42 3.04
N THR B 69 -4.78 -3.56 1.91
CA THR B 69 -3.56 -4.34 1.88
C THR B 69 -2.37 -3.57 1.29
N GLU B 70 -2.48 -2.25 1.14
CA GLU B 70 -1.35 -1.45 0.68
C GLU B 70 -1.34 -0.10 1.41
N PHE B 71 -0.23 0.22 2.07
CA PHE B 71 -0.10 1.46 2.83
C PHE B 71 1.24 2.11 2.51
N THR B 72 1.26 3.44 2.56
CA THR B 72 2.47 4.21 2.25
C THR B 72 2.70 5.29 3.30
N LEU B 73 3.92 5.32 3.84
CA LEU B 73 4.42 6.46 4.60
C LEU B 73 5.28 7.32 3.68
N THR B 74 4.94 8.60 3.57
CA THR B 74 5.73 9.54 2.78
C THR B 74 6.38 10.53 3.73
N ILE B 75 7.66 10.81 3.51
CA ILE B 75 8.33 11.94 4.12
C ILE B 75 8.49 12.98 3.02
N ARG B 76 7.71 14.06 3.10
CA ARG B 76 7.56 14.97 1.97
C ARG B 76 8.80 15.82 1.72
N SER B 77 9.62 16.06 2.74
CA SER B 77 10.89 16.76 2.54
C SER B 77 11.83 16.29 3.65
N LEU B 78 12.72 15.37 3.30
CA LEU B 78 13.64 14.77 4.27
C LEU B 78 14.45 15.84 4.99
N GLN B 79 14.52 15.74 6.31
CA GLN B 79 15.34 16.61 7.14
C GLN B 79 16.41 15.80 7.85
N PRO B 80 17.53 16.41 8.23
CA PRO B 80 18.62 15.62 8.84
C PRO B 80 18.18 14.86 10.09
N GLU B 81 17.32 15.45 10.91
CA GLU B 81 16.85 14.78 12.12
C GLU B 81 15.93 13.59 11.82
N ASP B 82 15.57 13.35 10.56
CA ASP B 82 14.70 12.22 10.24
C ASP B 82 15.46 10.90 10.08
N PHE B 83 16.78 10.91 10.27
CA PHE B 83 17.49 9.64 10.37
C PHE B 83 16.86 8.79 11.46
N ALA B 84 16.42 7.60 11.11
CA ALA B 84 15.72 6.74 12.06
C ALA B 84 15.36 5.46 11.34
N THR B 85 14.87 4.48 12.09
CA THR B 85 14.24 3.31 11.51
C THR B 85 12.74 3.46 11.70
N TYR B 86 11.99 3.27 10.61
CA TYR B 86 10.54 3.42 10.57
C TYR B 86 9.90 2.04 10.50
N TYR B 87 8.77 1.89 11.19
CA TYR B 87 8.02 0.62 11.21
C TYR B 87 6.54 0.86 10.98
N CYS B 88 5.92 -0.06 10.22
CA CYS B 88 4.47 -0.15 10.21
C CYS B 88 4.01 -1.16 11.25
N GLN B 89 2.77 -0.98 11.69
CA GLN B 89 2.20 -1.83 12.73
C GLN B 89 0.70 -1.92 12.49
N GLN B 90 0.19 -3.14 12.28
CA GLN B 90 -1.24 -3.35 12.12
C GLN B 90 -1.89 -3.50 13.49
N SER B 91 -3.07 -2.89 13.62
CA SER B 91 -3.85 -2.85 14.84
C SER B 91 -5.22 -3.47 14.61
N TYR B 92 -5.30 -4.36 13.64
CA TYR B 92 -6.57 -4.94 13.18
C TYR B 92 -6.98 -6.18 13.98
N ASN B 93 -6.07 -7.14 14.16
CA ASN B 93 -6.30 -8.33 14.96
C ASN B 93 -5.12 -8.56 15.89
N THR B 94 -5.39 -9.19 17.03
CA THR B 94 -4.32 -9.54 17.95
C THR B 94 -3.62 -10.83 17.48
N PRO B 95 -2.30 -10.93 17.70
CA PRO B 95 -1.48 -9.85 18.28
C PRO B 95 -1.12 -8.78 17.25
N PRO B 96 -1.07 -7.53 17.68
CA PRO B 96 -0.45 -6.50 16.85
C PRO B 96 0.91 -6.98 16.35
N THR B 97 1.20 -6.71 15.09
CA THR B 97 2.48 -7.10 14.48
C THR B 97 3.07 -5.93 13.70
N PHE B 98 4.39 -5.96 13.58
CA PHE B 98 5.20 -4.88 13.01
C PHE B 98 5.91 -5.37 11.75
N GLY B 99 6.07 -4.46 10.79
CA GLY B 99 7.03 -4.68 9.74
C GLY B 99 8.44 -4.73 10.28
N GLN B 100 9.34 -5.31 9.49
CA GLN B 100 10.71 -5.42 9.95
C GLN B 100 11.47 -4.10 9.89
N GLY B 101 10.90 -3.05 9.33
CA GLY B 101 11.51 -1.75 9.44
C GLY B 101 12.21 -1.30 8.17
N THR B 102 12.32 0.00 8.01
CA THR B 102 13.04 0.63 6.92
C THR B 102 14.04 1.59 7.51
N LYS B 103 15.32 1.36 7.22
CA LYS B 103 16.37 2.23 7.71
C LYS B 103 16.58 3.40 6.76
N VAL B 104 16.33 4.60 7.23
CA VAL B 104 16.47 5.82 6.44
C VAL B 104 17.76 6.54 6.82
N GLU B 105 18.65 6.71 5.86
CA GLU B 105 19.90 7.43 6.05
C GLU B 105 19.90 8.67 5.15
N ILE B 106 20.68 9.67 5.54
CA ILE B 106 20.72 10.96 4.85
C ILE B 106 21.93 10.98 3.93
N LYS B 107 21.72 11.32 2.66
CA LYS B 107 22.81 11.60 1.73
C LYS B 107 23.19 13.07 1.84
N ARG B 108 24.49 13.34 1.87
CA ARG B 108 24.96 14.72 1.93
C ARG B 108 26.28 14.81 1.18
N THR B 109 26.88 16.00 1.20
CA THR B 109 28.15 16.20 0.52
C THR B 109 29.26 15.39 1.19
N VAL B 110 30.28 15.07 0.40
CA VAL B 110 31.45 14.36 0.92
C VAL B 110 32.14 15.20 1.97
N ALA B 111 32.51 14.56 3.09
CA ALA B 111 33.25 15.21 4.17
C ALA B 111 34.39 14.28 4.57
N ALA B 112 35.62 14.77 4.43
CA ALA B 112 36.78 13.95 4.79
C ALA B 112 36.89 13.84 6.31
N PRO B 113 37.36 12.71 6.82
CA PRO B 113 37.54 12.57 8.26
C PRO B 113 38.79 13.28 8.75
N SER B 114 38.70 13.77 9.98
CA SER B 114 39.88 14.12 10.73
C SER B 114 40.35 12.88 11.48
N VAL B 115 41.66 12.65 11.48
CA VAL B 115 42.22 11.40 11.99
C VAL B 115 43.10 11.68 13.20
N PHE B 116 42.99 10.81 14.21
CA PHE B 116 43.79 10.90 15.44
C PHE B 116 44.19 9.49 15.85
N ILE B 117 45.39 9.36 16.41
CA ILE B 117 45.85 8.08 16.93
C ILE B 117 46.19 8.24 18.40
N PHE B 118 45.88 7.21 19.20
CA PHE B 118 46.11 7.26 20.63
C PHE B 118 46.96 6.06 21.05
N PRO B 119 48.06 6.27 21.77
CA PRO B 119 48.85 5.14 22.27
C PRO B 119 48.19 4.52 23.49
N PRO B 120 48.56 3.29 23.83
CA PRO B 120 48.08 2.70 25.08
C PRO B 120 48.63 3.46 26.27
N SER B 121 47.80 3.56 27.30
CA SER B 121 48.22 4.19 28.54
C SER B 121 49.19 3.28 29.29
N ASP B 122 50.07 3.89 30.07
CA ASP B 122 50.95 3.10 30.91
C ASP B 122 50.13 2.28 31.91
N GLU B 123 49.00 2.82 32.38
CA GLU B 123 48.15 2.08 33.30
C GLU B 123 47.66 0.76 32.70
N GLN B 124 47.28 0.78 31.42
CA GLN B 124 46.80 -0.45 30.80
C GLN B 124 47.94 -1.45 30.61
N LEU B 125 49.15 -0.97 30.32
CA LEU B 125 50.25 -1.90 30.05
C LEU B 125 50.54 -2.79 31.25
N LYS B 126 50.35 -2.28 32.48
CA LYS B 126 50.51 -3.11 33.66
C LYS B 126 49.56 -4.30 33.66
N SER B 127 48.49 -4.25 32.87
CA SER B 127 47.55 -5.37 32.78
C SER B 127 48.00 -6.45 31.79
N GLY B 128 49.07 -6.20 31.01
CA GLY B 128 49.54 -7.16 30.05
C GLY B 128 48.98 -7.02 28.65
N THR B 129 48.13 -6.03 28.41
CA THR B 129 47.52 -5.80 27.11
C THR B 129 47.74 -4.34 26.72
N ALA B 130 47.88 -4.11 25.42
CA ALA B 130 48.04 -2.77 24.86
C ALA B 130 46.95 -2.54 23.82
N SER B 131 46.11 -1.53 24.03
CA SER B 131 45.11 -1.11 23.05
C SER B 131 45.56 0.19 22.38
N VAL B 132 45.59 0.18 21.05
CA VAL B 132 45.91 1.36 20.25
C VAL B 132 44.65 1.77 19.50
N VAL B 133 44.25 3.04 19.62
CA VAL B 133 42.97 3.50 19.08
C VAL B 133 43.24 4.52 17.97
N CYS B 134 42.50 4.38 16.87
CA CYS B 134 42.49 5.35 15.78
C CYS B 134 41.07 5.89 15.65
N LEU B 135 40.97 7.22 15.55
CA LEU B 135 39.70 7.94 15.47
C LEU B 135 39.58 8.61 14.11
N LEU B 136 38.45 8.37 13.43
CA LEU B 136 38.05 9.09 12.22
C LEU B 136 36.81 9.92 12.56
N ASN B 137 36.94 11.24 12.50
CA ASN B 137 35.92 12.10 13.09
C ASN B 137 35.15 12.86 12.01
N ASN B 138 33.82 12.72 12.03
CA ASN B 138 32.87 13.59 11.33
C ASN B 138 33.07 13.54 9.82
N PHE B 139 32.84 12.36 9.25
CA PHE B 139 33.03 12.18 7.82
C PHE B 139 31.75 11.69 7.16
N TYR B 140 31.76 11.77 5.83
CA TYR B 140 30.72 11.25 4.95
C TYR B 140 31.32 11.00 3.57
N PRO B 141 31.00 9.84 2.96
CA PRO B 141 30.09 8.82 3.47
C PRO B 141 30.72 7.84 4.47
N ARG B 142 29.90 6.87 4.90
CA ARG B 142 30.29 5.98 5.98
C ARG B 142 31.45 5.07 5.59
N GLU B 143 31.57 4.73 4.31
CA GLU B 143 32.62 3.80 3.87
C GLU B 143 33.99 4.41 4.05
N ALA B 144 34.90 3.66 4.69
CA ALA B 144 36.27 4.10 4.89
C ALA B 144 37.13 2.87 5.12
N LYS B 145 38.39 2.95 4.67
CA LYS B 145 39.36 1.90 4.87
C LYS B 145 40.40 2.36 5.89
N VAL B 146 40.57 1.57 6.95
CA VAL B 146 41.49 1.88 8.04
C VAL B 146 42.43 0.69 8.19
N GLN B 147 43.72 0.91 7.93
CA GLN B 147 44.73 -0.14 8.04
C GLN B 147 45.68 0.19 9.18
N TRP B 148 46.00 -0.81 9.99
CA TRP B 148 47.01 -0.70 11.02
C TRP B 148 48.35 -1.18 10.47
N LYS B 149 49.42 -0.48 10.84
CA LYS B 149 50.77 -0.90 10.47
C LYS B 149 51.68 -0.72 11.67
N VAL B 150 52.46 -1.75 11.97
CA VAL B 150 53.40 -1.74 13.07
C VAL B 150 54.78 -1.93 12.45
N ASP B 151 55.65 -0.92 12.61
CA ASP B 151 56.90 -0.82 11.86
C ASP B 151 56.67 -1.06 10.36
N ASN B 152 55.55 -0.51 9.88
CA ASN B 152 55.11 -0.53 8.48
C ASN B 152 54.70 -1.90 7.99
N ALA B 153 54.54 -2.87 8.89
CA ALA B 153 54.00 -4.17 8.53
C ALA B 153 52.49 -4.14 8.73
N LEU B 154 51.74 -4.51 7.69
CA LEU B 154 50.29 -4.44 7.75
C LEU B 154 49.74 -5.47 8.73
N GLN B 155 48.79 -5.02 9.56
CA GLN B 155 48.15 -5.89 10.53
C GLN B 155 46.85 -6.46 9.96
N SER B 156 46.53 -7.68 10.40
CA SER B 156 45.23 -8.27 10.10
C SER B 156 44.80 -9.18 11.24
N GLY B 157 43.50 -9.17 11.54
CA GLY B 157 42.91 -10.06 12.51
C GLY B 157 42.94 -9.60 13.95
N ASN B 158 43.63 -8.50 14.25
CA ASN B 158 43.78 -8.06 15.63
C ASN B 158 43.19 -6.67 15.87
N SER B 159 42.22 -6.25 15.07
CA SER B 159 41.55 -4.98 15.32
C SER B 159 40.04 -5.10 15.13
N GLN B 160 39.30 -4.22 15.79
CA GLN B 160 37.84 -4.13 15.64
C GLN B 160 37.43 -2.67 15.45
N GLU B 161 36.40 -2.46 14.63
CA GLU B 161 35.88 -1.14 14.34
C GLU B 161 34.51 -0.95 14.98
N SER B 162 34.16 0.32 15.20
CA SER B 162 32.85 0.71 15.68
C SER B 162 32.52 2.05 15.03
N VAL B 163 31.27 2.22 14.64
CA VAL B 163 30.82 3.43 13.96
C VAL B 163 29.62 4.01 14.71
N THR B 164 29.61 5.32 14.89
CA THR B 164 28.47 5.99 15.48
C THR B 164 27.30 5.99 14.52
N GLU B 165 26.09 6.16 15.08
CA GLU B 165 24.94 6.43 14.23
C GLU B 165 25.11 7.78 13.53
N GLN B 166 24.39 7.94 12.42
CA GLN B 166 24.45 9.19 11.69
C GLN B 166 24.00 10.36 12.57
N ASP B 167 24.81 11.41 12.58
CA ASP B 167 24.54 12.57 13.41
C ASP B 167 23.27 13.27 12.95
N SER B 168 22.45 13.67 13.91
CA SER B 168 21.12 14.20 13.63
C SER B 168 21.13 15.62 13.11
N LYS B 169 22.25 16.33 13.19
CA LYS B 169 22.34 17.69 12.66
C LYS B 169 23.20 17.79 11.41
N ASP B 170 24.43 17.25 11.40
CA ASP B 170 25.29 17.37 10.23
C ASP B 170 25.39 16.11 9.39
N SER B 171 24.68 15.04 9.77
CA SER B 171 24.56 13.80 8.99
C SER B 171 25.91 13.11 8.77
N THR B 172 26.90 13.36 9.62
CA THR B 172 28.19 12.70 9.48
C THR B 172 28.28 11.47 10.37
N TYR B 173 29.34 10.71 10.16
CA TYR B 173 29.68 9.56 10.98
C TYR B 173 31.04 9.78 11.62
N SER B 174 31.27 9.07 12.72
CA SER B 174 32.61 8.94 13.29
C SER B 174 32.89 7.46 13.49
N LEU B 175 34.18 7.11 13.51
CA LEU B 175 34.57 5.71 13.51
C LEU B 175 35.80 5.52 14.37
N SER B 176 35.80 4.44 15.15
CA SER B 176 36.99 4.06 15.89
C SER B 176 37.50 2.72 15.38
N SER B 177 38.81 2.59 15.30
CA SER B 177 39.45 1.30 15.08
C SER B 177 40.43 1.09 16.23
N THR B 178 40.37 -0.09 16.84
CA THR B 178 41.14 -0.40 18.04
C THR B 178 41.99 -1.64 17.76
N LEU B 179 43.31 -1.47 17.88
CA LEU B 179 44.29 -2.53 17.70
C LEU B 179 44.66 -3.09 19.07
N THR B 180 44.52 -4.40 19.23
CA THR B 180 44.79 -5.06 20.50
C THR B 180 46.02 -5.93 20.36
N LEU B 181 47.00 -5.71 21.25
CA LEU B 181 48.26 -6.45 21.25
C LEU B 181 48.60 -6.88 22.66
N SER B 182 49.36 -7.96 22.79
CA SER B 182 49.97 -8.23 24.07
C SER B 182 50.99 -7.15 24.36
N LYS B 183 51.20 -6.88 25.66
CA LYS B 183 52.24 -5.93 26.05
C LYS B 183 53.59 -6.32 25.46
N ALA B 184 53.91 -7.61 25.45
CA ALA B 184 55.18 -8.09 24.91
C ALA B 184 55.34 -7.74 23.43
N ASP B 185 54.28 -7.98 22.64
CA ASP B 185 54.33 -7.63 21.22
C ASP B 185 54.41 -6.11 21.03
N TYR B 186 53.72 -5.34 21.88
CA TYR B 186 53.77 -3.90 21.76
C TYR B 186 55.17 -3.35 22.01
N GLU B 187 55.89 -3.94 22.98
CA GLU B 187 57.22 -3.44 23.30
C GLU B 187 58.28 -3.92 22.32
N LYS B 188 57.97 -4.87 21.45
CA LYS B 188 58.92 -5.34 20.44
C LYS B 188 58.99 -4.44 19.22
N HIS B 189 58.12 -3.45 19.09
CA HIS B 189 58.08 -2.62 17.91
C HIS B 189 58.02 -1.15 18.29
N LYS B 190 58.29 -0.30 17.30
CA LYS B 190 58.49 1.13 17.52
C LYS B 190 57.38 1.99 16.91
N VAL B 191 57.11 1.84 15.61
CA VAL B 191 56.25 2.77 14.90
C VAL B 191 54.87 2.15 14.79
N TYR B 192 53.87 2.86 15.30
CA TYR B 192 52.49 2.42 15.28
C TYR B 192 51.69 3.42 14.45
N ALA B 193 50.99 2.93 13.44
CA ALA B 193 50.38 3.83 12.48
C ALA B 193 49.00 3.34 12.07
N CYS B 194 48.11 4.30 11.89
CA CYS B 194 46.78 4.09 11.33
C CYS B 194 46.73 4.82 10.00
N GLU B 195 46.40 4.10 8.92
CA GLU B 195 46.36 4.69 7.58
C GLU B 195 44.94 4.65 7.05
N VAL B 196 44.43 5.82 6.66
CA VAL B 196 43.01 6.03 6.39
C VAL B 196 42.84 6.38 4.91
N THR B 197 41.97 5.63 4.24
CA THR B 197 41.57 5.92 2.87
C THR B 197 40.08 6.24 2.87
N HIS B 198 39.72 7.33 2.22
CA HIS B 198 38.33 7.78 2.23
C HIS B 198 38.10 8.67 1.02
N GLN B 199 36.87 8.63 0.51
CA GLN B 199 36.53 9.35 -0.72
C GLN B 199 36.85 10.84 -0.62
N GLY B 200 36.80 11.40 0.58
CA GLY B 200 37.15 12.80 0.75
C GLY B 200 38.63 13.10 0.82
N LEU B 201 39.49 12.08 0.77
CA LEU B 201 40.94 12.24 0.82
C LEU B 201 41.54 11.93 -0.54
N SER B 202 42.31 12.87 -1.08
CA SER B 202 42.92 12.65 -2.39
C SER B 202 43.96 11.53 -2.37
N SER B 203 44.62 11.34 -1.24
CA SER B 203 45.53 10.24 -0.96
C SER B 203 45.36 9.85 0.50
N PRO B 204 45.81 8.66 0.90
CA PRO B 204 45.58 8.21 2.28
C PRO B 204 46.25 9.12 3.31
N VAL B 205 45.61 9.23 4.47
CA VAL B 205 46.12 10.00 5.60
C VAL B 205 46.64 9.00 6.62
N THR B 206 47.88 9.19 7.06
CA THR B 206 48.50 8.33 8.05
C THR B 206 48.82 9.13 9.30
N LYS B 207 48.32 8.68 10.45
CA LYS B 207 48.73 9.20 11.75
C LYS B 207 49.54 8.13 12.47
N SER B 208 50.62 8.55 13.13
CA SER B 208 51.52 7.60 13.76
C SER B 208 52.09 8.18 15.04
N PHE B 209 52.61 7.29 15.89
CA PHE B 209 53.47 7.65 16.99
C PHE B 209 54.59 6.62 17.10
N ASN B 210 55.67 7.01 17.76
CA ASN B 210 56.76 6.10 18.12
C ASN B 210 56.66 5.74 19.60
N ARG B 211 56.61 4.45 19.90
CA ARG B 211 56.56 4.00 21.28
C ARG B 211 57.72 4.59 22.10
N GLY B 212 57.38 5.26 23.20
CA GLY B 212 58.39 5.80 24.08
C GLY B 212 59.01 7.10 23.63
N GLU B 213 58.26 7.94 22.91
CA GLU B 213 58.78 9.23 22.49
C GLU B 213 57.78 10.32 22.84
N GLN C 1 -15.51 -6.35 -42.40
CA GLN C 1 -14.57 -5.91 -43.43
C GLN C 1 -13.24 -5.48 -42.79
N VAL C 2 -13.28 -5.11 -41.51
CA VAL C 2 -12.05 -5.00 -40.73
C VAL C 2 -12.33 -5.51 -39.32
N GLN C 3 -11.33 -6.18 -38.73
CA GLN C 3 -11.35 -6.54 -37.33
C GLN C 3 -10.30 -5.71 -36.61
N LEU C 4 -10.65 -5.25 -35.42
CA LEU C 4 -9.84 -4.28 -34.66
C LEU C 4 -9.74 -4.82 -33.25
N GLU C 5 -8.59 -5.38 -32.89
CA GLU C 5 -8.38 -6.03 -31.58
C GLU C 5 -7.48 -5.16 -30.70
N GLU C 6 -8.02 -4.71 -29.58
CA GLU C 6 -7.28 -3.81 -28.70
C GLU C 6 -6.54 -4.58 -27.61
N SER C 7 -5.39 -4.04 -27.20
CA SER C 7 -4.59 -4.67 -26.16
C SER C 7 -3.85 -3.60 -25.39
N GLY C 8 -3.52 -3.92 -24.18
CA GLY C 8 -2.81 -3.01 -23.33
C GLY C 8 -3.16 -3.25 -21.87
N PRO C 9 -2.37 -2.71 -21.00
CA PRO C 9 -2.67 -2.90 -19.59
C PRO C 9 -3.99 -2.26 -19.18
N GLY C 10 -4.70 -2.86 -18.28
CA GLY C 10 -5.93 -2.31 -17.80
C GLY C 10 -5.77 -1.44 -16.56
N LEU C 11 -4.55 -1.38 -16.03
CA LEU C 11 -4.22 -0.62 -14.85
C LEU C 11 -2.92 0.15 -15.10
N VAL C 12 -2.96 1.47 -14.90
CA VAL C 12 -1.82 2.37 -15.06
C VAL C 12 -1.72 3.23 -13.81
N LYS C 13 -0.49 3.47 -13.32
CA LYS C 13 -0.36 4.29 -12.14
C LYS C 13 -0.37 5.79 -12.48
N PRO C 14 -0.84 6.64 -11.57
CA PRO C 14 -0.83 8.09 -11.83
C PRO C 14 0.56 8.60 -12.16
N SER C 15 0.62 9.52 -13.12
CA SER C 15 1.80 10.17 -13.69
C SER C 15 2.55 9.28 -14.69
N GLU C 16 2.19 8.00 -14.83
CA GLU C 16 2.90 7.15 -15.76
C GLU C 16 2.27 7.24 -17.15
N THR C 17 2.82 6.52 -18.12
CA THR C 17 2.38 6.61 -19.51
C THR C 17 1.47 5.44 -19.84
N LEU C 18 0.33 5.74 -20.47
CA LEU C 18 -0.63 4.73 -20.92
C LEU C 18 -0.34 4.38 -22.37
N SER C 19 -0.19 3.09 -22.67
CA SER C 19 0.04 2.63 -24.03
C SER C 19 -1.01 1.58 -24.37
N LEU C 20 -1.62 1.73 -25.54
CA LEU C 20 -2.55 0.74 -26.08
C LEU C 20 -2.22 0.45 -27.53
N THR C 21 -2.57 -0.75 -27.97
CA THR C 21 -2.34 -1.17 -29.34
C THR C 21 -3.66 -1.69 -29.91
N CYS C 22 -3.83 -1.48 -31.22
CA CYS C 22 -4.98 -1.98 -31.99
C CYS C 22 -4.42 -2.86 -33.09
N SER C 23 -4.66 -4.17 -33.02
CA SER C 23 -4.23 -5.08 -34.07
C SER C 23 -5.29 -5.13 -35.17
N VAL C 24 -4.88 -4.88 -36.40
CA VAL C 24 -5.81 -4.74 -37.53
C VAL C 24 -5.79 -6.01 -38.37
N SER C 25 -6.97 -6.57 -38.65
CA SER C 25 -7.05 -7.67 -39.61
C SER C 25 -8.06 -7.35 -40.72
N GLY C 26 -7.73 -7.75 -41.95
CA GLY C 26 -8.64 -7.65 -43.07
C GLY C 26 -8.31 -6.56 -44.07
N VAL C 27 -7.58 -5.52 -43.62
CA VAL C 27 -7.01 -4.52 -44.52
C VAL C 27 -5.60 -4.20 -44.04
N SER C 28 -4.85 -3.50 -44.87
CA SER C 28 -3.49 -3.13 -44.52
C SER C 28 -3.45 -1.74 -43.89
N VAL C 29 -2.66 -1.60 -42.82
CA VAL C 29 -2.43 -0.29 -42.22
C VAL C 29 -1.62 0.65 -43.13
N THR C 30 -1.08 0.14 -44.22
CA THR C 30 -0.40 1.01 -45.16
C THR C 30 -1.31 1.49 -46.27
N SER C 31 -2.59 1.11 -46.26
CA SER C 31 -3.49 1.53 -47.32
C SER C 31 -3.83 3.01 -47.15
N ASP C 32 -3.60 3.80 -48.21
CA ASP C 32 -3.75 5.25 -48.13
C ASP C 32 -5.20 5.70 -48.08
N ILE C 33 -6.17 4.79 -48.22
CA ILE C 33 -7.56 5.25 -48.19
C ILE C 33 -8.12 5.26 -46.78
N TYR C 34 -7.44 4.68 -45.80
CA TYR C 34 -7.98 4.64 -44.45
C TYR C 34 -7.19 5.57 -43.53
N TYR C 35 -7.86 5.99 -42.46
CA TYR C 35 -7.19 6.64 -41.33
C TYR C 35 -7.59 5.88 -40.07
N TRP C 36 -6.76 6.01 -39.04
CA TRP C 36 -6.88 5.21 -37.83
C TRP C 36 -7.04 6.13 -36.63
N THR C 37 -8.01 5.81 -35.76
CA THR C 37 -8.49 6.73 -34.74
C THR C 37 -8.55 6.07 -33.37
N TRP C 38 -8.35 6.88 -32.31
CA TRP C 38 -8.72 6.49 -30.96
C TRP C 38 -9.77 7.44 -30.41
N ILE C 39 -10.73 6.88 -29.66
CA ILE C 39 -11.79 7.61 -28.98
C ILE C 39 -11.88 7.02 -27.57
N ARG C 40 -12.36 7.81 -26.61
CA ARG C 40 -12.46 7.30 -25.25
C ARG C 40 -13.73 7.77 -24.54
N GLN C 41 -14.10 7.02 -23.49
CA GLN C 41 -15.28 7.38 -22.70
C GLN C 41 -15.05 7.05 -21.23
N PRO C 42 -14.86 8.05 -20.38
CA PRO C 42 -14.81 7.79 -18.95
C PRO C 42 -16.13 7.18 -18.50
N PRO C 43 -16.10 6.32 -17.46
CA PRO C 43 -17.34 5.78 -16.87
C PRO C 43 -18.40 6.85 -16.63
N GLY C 44 -19.57 6.72 -17.24
CA GLY C 44 -20.64 7.64 -16.98
C GLY C 44 -20.46 9.03 -17.56
N LYS C 45 -19.48 9.24 -18.42
CA LYS C 45 -19.26 10.53 -19.09
C LYS C 45 -19.41 10.37 -20.60
N GLY C 46 -19.14 11.47 -21.33
CA GLY C 46 -19.32 11.46 -22.76
C GLY C 46 -18.13 10.88 -23.50
N LEU C 47 -18.31 10.70 -24.81
CA LEU C 47 -17.23 10.28 -25.69
C LEU C 47 -16.30 11.45 -26.00
N GLU C 48 -15.00 11.18 -25.99
CA GLU C 48 -14.00 12.20 -26.32
C GLU C 48 -13.08 11.64 -27.41
N TRP C 49 -13.09 12.29 -28.56
CA TRP C 49 -12.24 11.89 -29.66
C TRP C 49 -10.79 12.26 -29.36
N ILE C 50 -9.86 11.35 -29.63
CA ILE C 50 -8.44 11.59 -29.32
C ILE C 50 -7.65 12.04 -30.53
N GLY C 51 -7.77 11.35 -31.65
CA GLY C 51 -7.07 11.80 -32.84
C GLY C 51 -7.14 10.81 -33.96
N TYR C 52 -6.56 11.20 -35.08
CA TYR C 52 -6.42 10.30 -36.22
C TYR C 52 -4.97 10.28 -36.68
N ILE C 53 -4.61 9.19 -37.34
CA ILE C 53 -3.31 9.11 -38.00
C ILE C 53 -3.48 8.44 -39.34
N PHE C 54 -2.84 9.01 -40.37
CA PHE C 54 -2.69 8.40 -41.69
C PHE C 54 -1.30 7.82 -41.84
N TYR C 55 -1.21 6.70 -42.57
CA TYR C 55 0.10 6.09 -42.79
C TYR C 55 1.08 7.08 -43.42
N ASN C 56 0.61 7.93 -44.33
CA ASN C 56 1.51 8.90 -44.97
C ASN C 56 2.07 9.95 -44.01
N GLY C 57 1.69 9.92 -42.73
CA GLY C 57 2.29 10.77 -41.71
C GLY C 57 1.38 11.87 -41.19
N ASP C 58 0.31 12.20 -41.88
CA ASP C 58 -0.55 13.27 -41.39
C ASP C 58 -1.34 12.80 -40.18
N THR C 59 -1.31 13.61 -39.13
CA THR C 59 -1.96 13.32 -37.88
C THR C 59 -2.75 14.54 -37.46
N ASN C 60 -3.71 14.34 -36.56
CA ASN C 60 -4.41 15.45 -35.95
C ASN C 60 -4.93 14.95 -34.61
N TYR C 61 -4.53 15.61 -33.52
CA TYR C 61 -4.95 15.21 -32.19
C TYR C 61 -5.79 16.31 -31.58
N ASN C 62 -6.80 15.90 -30.83
CA ASN C 62 -7.65 16.80 -30.08
C ASN C 62 -6.80 17.81 -29.30
N PRO C 63 -7.08 19.13 -29.40
CA PRO C 63 -6.27 20.09 -28.63
C PRO C 63 -6.28 19.84 -27.14
N SER C 64 -7.34 19.23 -26.60
CA SER C 64 -7.36 18.88 -25.18
C SER C 64 -6.27 17.89 -24.81
N LEU C 65 -5.77 17.11 -25.76
CA LEU C 65 -4.85 16.02 -25.50
C LEU C 65 -3.54 16.09 -26.29
N LYS C 66 -3.44 16.99 -27.28
CA LYS C 66 -2.30 16.96 -28.20
C LYS C 66 -0.97 17.07 -27.47
N SER C 67 -0.91 17.83 -26.37
CA SER C 67 0.34 17.99 -25.65
C SER C 67 0.68 16.79 -24.76
N ARG C 68 -0.13 15.72 -24.75
CA ARG C 68 0.22 14.50 -24.06
C ARG C 68 0.14 13.24 -24.92
N VAL C 69 -0.33 13.32 -26.15
CA VAL C 69 -0.63 12.11 -26.91
C VAL C 69 0.25 12.01 -28.14
N THR C 70 0.62 10.78 -28.47
CA THR C 70 1.16 10.44 -29.78
C THR C 70 0.53 9.13 -30.23
N MET C 71 0.52 8.93 -31.54
CA MET C 71 0.02 7.70 -32.14
C MET C 71 1.06 7.22 -33.14
N SER C 72 1.09 5.92 -33.40
CA SER C 72 2.05 5.45 -34.38
C SER C 72 1.49 4.21 -35.07
N ILE C 73 2.07 3.88 -36.22
CA ILE C 73 1.68 2.73 -37.01
C ILE C 73 2.90 1.80 -37.13
N ASP C 74 2.69 0.52 -36.84
CA ASP C 74 3.69 -0.53 -37.00
C ASP C 74 3.26 -1.38 -38.21
N THR C 75 3.96 -1.21 -39.34
CA THR C 75 3.54 -1.90 -40.56
C THR C 75 3.81 -3.39 -40.49
N SER C 76 4.91 -3.78 -39.84
CA SER C 76 5.27 -5.20 -39.79
C SER C 76 4.18 -6.01 -39.10
N LYS C 77 3.57 -5.45 -38.06
CA LYS C 77 2.55 -6.16 -37.28
C LYS C 77 1.14 -5.78 -37.71
N ASN C 78 0.99 -4.84 -38.65
CA ASN C 78 -0.31 -4.35 -39.07
C ASN C 78 -1.12 -3.89 -37.85
N GLU C 79 -0.50 -3.01 -37.07
CA GLU C 79 -1.05 -2.47 -35.84
C GLU C 79 -0.90 -0.95 -35.83
N PHE C 80 -1.67 -0.31 -34.96
CA PHE C 80 -1.39 1.06 -34.60
C PHE C 80 -1.64 1.20 -33.11
N SER C 81 -1.14 2.30 -32.55
CA SER C 81 -0.99 2.41 -31.12
C SER C 81 -1.24 3.84 -30.67
N LEU C 82 -1.54 3.94 -29.38
CA LEU C 82 -1.78 5.18 -28.64
C LEU C 82 -0.79 5.26 -27.50
N ARG C 83 -0.22 6.45 -27.28
CA ARG C 83 0.65 6.73 -26.13
C ARG C 83 0.16 8.00 -25.47
N LEU C 84 -0.15 7.94 -24.16
CA LEU C 84 -0.70 9.07 -23.43
C LEU C 84 0.09 9.28 -22.14
N THR C 85 0.74 10.44 -22.00
CA THR C 85 1.62 10.66 -20.86
C THR C 85 0.89 11.22 -19.63
N SER C 86 1.55 11.07 -18.49
CA SER C 86 1.21 11.78 -17.25
C SER C 86 -0.27 11.61 -16.90
N VAL C 87 -0.71 10.35 -16.81
CA VAL C 87 -2.13 10.10 -16.66
C VAL C 87 -2.57 10.41 -15.23
N THR C 88 -3.86 10.74 -15.11
CA THR C 88 -4.52 10.99 -13.84
C THR C 88 -5.85 10.23 -13.84
N ALA C 89 -6.60 10.38 -12.76
CA ALA C 89 -7.91 9.74 -12.69
C ALA C 89 -8.83 10.16 -13.83
N ALA C 90 -8.59 11.33 -14.42
CA ALA C 90 -9.37 11.78 -15.57
C ALA C 90 -9.16 10.90 -16.78
N ASP C 91 -8.10 10.11 -16.79
CA ASP C 91 -7.79 9.29 -17.96
C ASP C 91 -8.34 7.87 -17.82
N THR C 92 -8.96 7.55 -16.69
CA THR C 92 -9.72 6.30 -16.57
C THR C 92 -10.87 6.33 -17.55
N ALA C 93 -10.93 5.35 -18.44
CA ALA C 93 -11.91 5.36 -19.52
C ALA C 93 -11.84 4.05 -20.27
N VAL C 94 -12.90 3.80 -21.06
CA VAL C 94 -12.85 2.80 -22.12
C VAL C 94 -12.24 3.47 -23.34
N TYR C 95 -11.23 2.84 -23.92
CA TYR C 95 -10.55 3.34 -25.09
C TYR C 95 -10.94 2.49 -26.29
N PHE C 96 -11.41 3.15 -27.35
CA PHE C 96 -11.85 2.51 -28.59
C PHE C 96 -10.88 2.86 -29.71
N CYS C 97 -10.44 1.86 -30.47
CA CYS C 97 -9.79 2.16 -31.74
C CYS C 97 -10.81 2.03 -32.87
N ALA C 98 -10.50 2.69 -34.00
CA ALA C 98 -11.48 2.70 -35.07
C ALA C 98 -10.79 2.98 -36.40
N ARG C 99 -11.44 2.55 -37.48
CA ARG C 99 -11.01 2.85 -38.84
C ARG C 99 -12.00 3.79 -39.51
N GLY C 100 -11.50 4.73 -40.31
CA GLY C 100 -12.34 5.51 -41.19
C GLY C 100 -11.82 5.45 -42.60
N THR C 101 -12.70 5.83 -43.55
CA THR C 101 -12.38 5.86 -44.98
C THR C 101 -12.48 7.29 -45.48
N GLU C 102 -11.37 7.82 -45.98
CA GLU C 102 -11.38 9.21 -46.42
C GLU C 102 -12.42 9.41 -47.53
N ASP C 103 -13.24 10.43 -47.38
CA ASP C 103 -14.28 10.74 -48.35
C ASP C 103 -14.75 12.18 -48.14
N LEU C 104 -14.01 13.13 -48.72
CA LEU C 104 -14.21 14.53 -48.41
C LEU C 104 -15.55 15.07 -48.86
N GLY C 105 -16.30 14.33 -49.69
CA GLY C 105 -17.64 14.77 -50.05
C GLY C 105 -18.65 14.61 -48.93
N TYR C 106 -18.40 13.70 -47.99
CA TYR C 106 -19.34 13.39 -46.91
C TYR C 106 -18.72 13.57 -45.53
N CYS C 107 -17.49 14.08 -45.45
CA CYS C 107 -16.79 14.12 -44.18
C CYS C 107 -15.57 15.01 -44.33
N SER C 108 -15.29 15.81 -43.31
CA SER C 108 -13.99 16.45 -43.30
C SER C 108 -12.91 15.38 -43.09
N SER C 109 -11.67 15.73 -43.40
CA SER C 109 -10.60 14.74 -43.42
C SER C 109 -10.46 14.06 -42.06
N GLY C 110 -10.42 12.73 -42.06
CA GLY C 110 -10.13 11.97 -40.86
C GLY C 110 -11.15 12.05 -39.73
N SER C 111 -12.42 12.37 -40.03
CA SER C 111 -13.35 12.75 -38.97
C SER C 111 -14.61 11.87 -38.91
N CYS C 112 -14.59 10.67 -39.49
CA CYS C 112 -15.78 9.80 -39.53
C CYS C 112 -15.40 8.35 -39.28
N PRO C 113 -14.94 8.04 -38.08
CA PRO C 113 -14.59 6.65 -37.76
C PRO C 113 -15.82 5.77 -37.83
N ASN C 114 -15.82 4.80 -38.75
CA ASN C 114 -17.04 4.05 -39.05
C ASN C 114 -16.95 2.55 -38.79
N HIS C 115 -15.82 2.05 -38.31
CA HIS C 115 -15.69 0.68 -37.83
C HIS C 115 -14.88 0.78 -36.56
N TRP C 116 -15.51 0.49 -35.43
CA TRP C 116 -14.87 0.61 -34.12
C TRP C 116 -14.58 -0.75 -33.53
N GLY C 117 -13.55 -0.81 -32.69
CA GLY C 117 -13.36 -1.94 -31.82
C GLY C 117 -14.32 -1.89 -30.63
N GLN C 118 -14.36 -2.97 -29.87
CA GLN C 118 -15.34 -3.01 -28.81
C GLN C 118 -14.90 -2.30 -27.54
N GLY C 119 -13.65 -1.83 -27.46
CA GLY C 119 -13.18 -1.01 -26.37
C GLY C 119 -12.45 -1.80 -25.29
N THR C 120 -11.48 -1.14 -24.65
CA THR C 120 -10.78 -1.73 -23.51
C THR C 120 -10.74 -0.71 -22.38
N LEU C 121 -11.06 -1.15 -21.17
CA LEU C 121 -11.06 -0.28 -20.00
C LEU C 121 -9.64 -0.10 -19.49
N VAL C 122 -9.24 1.14 -19.22
CA VAL C 122 -8.00 1.42 -18.51
C VAL C 122 -8.36 2.17 -17.25
N THR C 123 -7.91 1.67 -16.12
CA THR C 123 -8.15 2.30 -14.83
C THR C 123 -6.84 2.90 -14.37
N VAL C 124 -6.87 4.18 -14.02
CA VAL C 124 -5.70 4.88 -13.50
C VAL C 124 -5.81 4.84 -11.98
N SER C 125 -4.89 4.14 -11.32
CA SER C 125 -4.98 3.96 -9.88
C SER C 125 -3.62 3.56 -9.32
N SER C 126 -3.37 3.96 -8.08
CA SER C 126 -2.18 3.51 -7.38
C SER C 126 -2.36 2.16 -6.71
N ALA C 127 -3.60 1.66 -6.62
CA ALA C 127 -3.85 0.39 -5.97
C ALA C 127 -3.31 -0.75 -6.82
N SER C 128 -2.95 -1.85 -6.16
CA SER C 128 -2.41 -3.00 -6.85
C SER C 128 -3.51 -3.92 -7.36
N THR C 129 -3.14 -4.79 -8.29
CA THR C 129 -4.07 -5.80 -8.77
C THR C 129 -4.44 -6.77 -7.65
N LYS C 130 -5.68 -7.27 -7.68
CA LYS C 130 -6.09 -8.30 -6.74
C LYS C 130 -7.09 -9.21 -7.45
N GLY C 131 -6.84 -10.52 -7.42
CA GLY C 131 -7.71 -11.48 -8.02
C GLY C 131 -8.91 -11.80 -7.15
N PRO C 132 -9.98 -12.29 -7.76
CA PRO C 132 -11.22 -12.51 -7.02
C PRO C 132 -11.18 -13.78 -6.20
N SER C 133 -12.02 -13.79 -5.17
CA SER C 133 -12.44 -15.01 -4.48
C SER C 133 -13.81 -15.37 -5.00
N VAL C 134 -14.06 -16.66 -5.19
CA VAL C 134 -15.27 -17.09 -5.87
C VAL C 134 -16.01 -18.05 -4.96
N PHE C 135 -17.27 -17.75 -4.68
CA PHE C 135 -18.07 -18.57 -3.80
C PHE C 135 -19.35 -19.02 -4.49
N PRO C 136 -19.84 -20.22 -4.16
CA PRO C 136 -21.07 -20.71 -4.81
C PRO C 136 -22.31 -20.03 -4.27
N LEU C 137 -23.25 -19.80 -5.17
CA LEU C 137 -24.65 -19.48 -4.87
C LEU C 137 -25.40 -20.77 -5.15
N ALA C 138 -25.54 -21.60 -4.11
CA ALA C 138 -26.00 -22.97 -4.31
C ALA C 138 -27.50 -23.01 -4.56
N PRO C 139 -27.99 -23.97 -5.35
CA PRO C 139 -29.43 -24.05 -5.60
C PRO C 139 -30.20 -24.49 -4.35
N SER C 140 -31.36 -23.89 -4.16
CA SER C 140 -32.22 -24.19 -3.01
C SER C 140 -32.67 -25.66 -3.02
N GLY C 147 -40.37 -25.78 -10.92
CA GLY C 147 -39.85 -26.22 -12.20
C GLY C 147 -38.48 -25.66 -12.56
N THR C 148 -38.18 -24.45 -12.12
CA THR C 148 -36.94 -23.76 -12.47
C THR C 148 -36.14 -23.48 -11.21
N ALA C 149 -34.84 -23.77 -11.25
CA ALA C 149 -33.95 -23.50 -10.14
C ALA C 149 -32.95 -22.42 -10.54
N ALA C 150 -32.49 -21.64 -9.56
CA ALA C 150 -31.45 -20.63 -9.78
C ALA C 150 -30.19 -21.02 -9.01
N LEU C 151 -29.02 -20.78 -9.61
CA LEU C 151 -27.76 -21.01 -8.93
C LEU C 151 -26.75 -20.00 -9.47
N GLY C 152 -25.61 -19.90 -8.81
CA GLY C 152 -24.69 -18.89 -9.30
C GLY C 152 -23.32 -18.95 -8.65
N CYS C 153 -22.54 -17.92 -8.96
CA CYS C 153 -21.23 -17.70 -8.36
C CYS C 153 -21.11 -16.26 -7.91
N LEU C 154 -20.62 -16.05 -6.69
CA LEU C 154 -20.33 -14.73 -6.15
C LEU C 154 -18.85 -14.48 -6.37
N VAL C 155 -18.53 -13.38 -7.04
CA VAL C 155 -17.16 -13.06 -7.44
C VAL C 155 -16.77 -11.83 -6.64
N LYS C 156 -16.01 -12.00 -5.57
CA LYS C 156 -15.86 -10.97 -4.56
C LYS C 156 -14.41 -10.48 -4.47
N ASP C 157 -14.28 -9.16 -4.32
CA ASP C 157 -13.04 -8.51 -3.90
C ASP C 157 -11.95 -8.57 -4.96
N TYR C 158 -12.18 -7.98 -6.13
CA TYR C 158 -11.12 -7.92 -7.13
C TYR C 158 -10.87 -6.49 -7.56
N PHE C 159 -9.72 -6.29 -8.20
CA PHE C 159 -9.31 -4.99 -8.71
C PHE C 159 -8.20 -5.10 -9.75
N PRO C 160 -8.27 -4.33 -10.86
CA PRO C 160 -9.39 -3.48 -11.28
C PRO C 160 -10.39 -4.34 -12.04
N GLU C 161 -11.38 -3.70 -12.65
CA GLU C 161 -12.27 -4.37 -13.60
C GLU C 161 -11.49 -4.67 -14.88
N PRO C 162 -11.96 -5.63 -15.69
CA PRO C 162 -13.12 -6.48 -15.50
C PRO C 162 -12.77 -7.92 -15.13
N VAL C 163 -13.77 -8.66 -14.66
CA VAL C 163 -13.71 -10.11 -14.66
C VAL C 163 -14.66 -10.60 -15.75
N THR C 164 -14.37 -11.77 -16.30
CA THR C 164 -15.30 -12.44 -17.18
C THR C 164 -15.73 -13.75 -16.53
N VAL C 165 -16.99 -14.11 -16.72
CA VAL C 165 -17.53 -15.35 -16.15
C VAL C 165 -18.15 -16.16 -17.27
N SER C 166 -17.79 -17.43 -17.35
CA SER C 166 -18.49 -18.37 -18.20
C SER C 166 -19.04 -19.50 -17.33
N TRP C 167 -19.92 -20.31 -17.93
CA TRP C 167 -20.50 -21.46 -17.26
C TRP C 167 -20.20 -22.71 -18.07
N ASN C 168 -19.72 -23.74 -17.37
CA ASN C 168 -19.43 -25.04 -17.99
C ASN C 168 -18.48 -24.84 -19.18
N SER C 169 -17.50 -23.95 -18.97
CA SER C 169 -16.44 -23.66 -19.93
C SER C 169 -16.99 -23.05 -21.21
N GLY C 170 -18.11 -22.34 -21.11
CA GLY C 170 -18.73 -21.71 -22.25
C GLY C 170 -19.88 -22.49 -22.86
N ALA C 171 -20.09 -23.74 -22.46
CA ALA C 171 -21.15 -24.54 -23.07
C ALA C 171 -22.54 -24.05 -22.64
N LEU C 172 -22.65 -23.52 -21.42
CA LEU C 172 -23.92 -23.07 -20.88
C LEU C 172 -24.00 -21.55 -21.02
N THR C 173 -24.95 -21.07 -21.82
CA THR C 173 -25.12 -19.64 -22.05
C THR C 173 -26.57 -19.21 -21.85
N SER C 174 -27.51 -20.09 -22.17
CA SER C 174 -28.92 -19.75 -22.01
C SER C 174 -29.26 -19.57 -20.53
N GLY C 175 -29.92 -18.46 -20.22
CA GLY C 175 -30.38 -18.21 -18.87
C GLY C 175 -29.37 -17.59 -17.94
N VAL C 176 -28.22 -17.20 -18.44
CA VAL C 176 -27.15 -16.65 -17.60
C VAL C 176 -27.35 -15.15 -17.48
N HIS C 177 -27.21 -14.62 -16.26
CA HIS C 177 -27.10 -13.19 -16.03
C HIS C 177 -25.85 -12.92 -15.20
N THR C 178 -24.89 -12.19 -15.77
CA THR C 178 -23.73 -11.74 -15.03
C THR C 178 -23.92 -10.26 -14.74
N PHE C 179 -24.03 -9.91 -13.47
CA PHE C 179 -24.36 -8.56 -13.08
C PHE C 179 -23.18 -7.62 -13.24
N PRO C 180 -23.45 -6.35 -13.54
CA PRO C 180 -22.39 -5.33 -13.50
C PRO C 180 -21.78 -5.31 -12.11
N ALA C 181 -20.46 -5.11 -12.07
CA ALA C 181 -19.75 -5.07 -10.80
C ALA C 181 -20.20 -3.86 -9.97
N VAL C 182 -20.14 -4.03 -8.65
CA VAL C 182 -20.36 -2.91 -7.73
C VAL C 182 -19.04 -2.61 -7.03
N LEU C 183 -18.71 -1.33 -6.90
CA LEU C 183 -17.54 -0.93 -6.13
C LEU C 183 -17.92 -0.92 -4.65
N GLN C 184 -17.23 -1.74 -3.87
CA GLN C 184 -17.51 -1.82 -2.44
C GLN C 184 -16.78 -0.70 -1.69
N SER C 185 -17.18 -0.49 -0.44
CA SER C 185 -16.55 0.54 0.38
C SER C 185 -15.08 0.26 0.61
N SER C 186 -14.64 -0.99 0.43
CA SER C 186 -13.24 -1.34 0.55
C SER C 186 -12.40 -0.90 -0.64
N GLY C 187 -13.04 -0.41 -1.71
CA GLY C 187 -12.33 -0.08 -2.92
C GLY C 187 -12.11 -1.24 -3.87
N LEU C 188 -12.64 -2.42 -3.56
CA LEU C 188 -12.55 -3.58 -4.44
C LEU C 188 -13.92 -3.85 -5.04
N TYR C 189 -13.92 -4.51 -6.19
CA TYR C 189 -15.17 -4.77 -6.89
C TYR C 189 -15.75 -6.14 -6.50
N SER C 190 -17.05 -6.29 -6.73
CA SER C 190 -17.72 -7.58 -6.54
C SER C 190 -18.87 -7.68 -7.51
N LEU C 191 -19.16 -8.91 -7.96
CA LEU C 191 -20.34 -9.16 -8.77
C LEU C 191 -20.80 -10.60 -8.53
N SER C 192 -22.00 -10.91 -9.00
CA SER C 192 -22.49 -12.27 -9.05
C SER C 192 -22.86 -12.62 -10.49
N SER C 193 -22.71 -13.88 -10.83
CA SER C 193 -23.24 -14.43 -12.07
C SER C 193 -24.23 -15.53 -11.70
N VAL C 194 -25.42 -15.48 -12.29
CA VAL C 194 -26.46 -16.46 -11.99
C VAL C 194 -26.93 -17.12 -13.29
N VAL C 195 -27.55 -18.28 -13.13
CA VAL C 195 -28.19 -18.96 -14.25
C VAL C 195 -29.40 -19.69 -13.69
N THR C 196 -30.50 -19.69 -14.46
CA THR C 196 -31.65 -20.53 -14.13
C THR C 196 -31.62 -21.76 -15.01
N VAL C 197 -31.94 -22.90 -14.42
CA VAL C 197 -31.88 -24.20 -15.08
C VAL C 197 -33.07 -25.03 -14.62
N PRO C 198 -33.41 -26.11 -15.34
CA PRO C 198 -34.48 -26.98 -14.86
C PRO C 198 -34.12 -27.59 -13.51
N SER C 199 -35.07 -27.58 -12.58
CA SER C 199 -34.85 -28.26 -11.31
C SER C 199 -34.50 -29.72 -11.54
N SER C 200 -35.12 -30.33 -12.56
CA SER C 200 -34.89 -31.73 -12.88
C SER C 200 -33.45 -32.02 -13.30
N SER C 201 -32.62 -31.00 -13.52
CA SER C 201 -31.24 -31.18 -13.95
C SER C 201 -30.25 -31.21 -12.79
N LEU C 202 -30.67 -30.83 -11.58
CA LEU C 202 -29.70 -30.62 -10.52
C LEU C 202 -29.02 -31.92 -10.09
N GLY C 203 -29.71 -33.06 -10.21
CA GLY C 203 -29.12 -34.32 -9.82
C GLY C 203 -28.08 -34.89 -10.77
N THR C 204 -28.10 -34.47 -12.04
CA THR C 204 -27.27 -35.13 -13.05
C THR C 204 -26.41 -34.20 -13.90
N GLN C 205 -26.68 -32.89 -13.92
CA GLN C 205 -25.85 -31.95 -14.65
C GLN C 205 -24.89 -31.30 -13.68
N THR C 206 -23.60 -31.29 -14.05
CA THR C 206 -22.59 -30.58 -13.29
C THR C 206 -22.61 -29.11 -13.73
N TYR C 207 -22.59 -28.20 -12.76
CA TYR C 207 -22.51 -26.77 -13.05
C TYR C 207 -21.25 -26.21 -12.44
N ILE C 208 -20.44 -25.54 -13.27
CA ILE C 208 -19.18 -24.94 -12.84
C ILE C 208 -19.12 -23.54 -13.44
N CYS C 209 -18.83 -22.53 -12.62
CA CYS C 209 -18.56 -21.20 -13.15
C CYS C 209 -17.06 -21.02 -13.31
N ASN C 210 -16.67 -20.42 -14.42
CA ASN C 210 -15.27 -20.18 -14.77
C ASN C 210 -15.04 -18.68 -14.72
N VAL C 211 -14.20 -18.24 -13.79
CA VAL C 211 -13.99 -16.82 -13.51
C VAL C 211 -12.57 -16.43 -13.91
N ASN C 212 -12.47 -15.45 -14.80
CA ASN C 212 -11.17 -15.00 -15.33
C ASN C 212 -10.93 -13.55 -14.96
N HIS C 213 -9.75 -13.26 -14.43
CA HIS C 213 -9.34 -11.89 -14.09
C HIS C 213 -7.95 -11.65 -14.67
N LYS C 214 -7.89 -11.07 -15.87
CA LYS C 214 -6.60 -10.93 -16.55
C LYS C 214 -5.58 -10.08 -15.82
N PRO C 215 -5.94 -8.96 -15.17
CA PRO C 215 -4.90 -8.17 -14.48
C PRO C 215 -4.12 -8.96 -13.43
N SER C 216 -4.74 -9.95 -12.80
CA SER C 216 -4.06 -10.77 -11.80
C SER C 216 -3.67 -12.13 -12.36
N ASN C 217 -3.84 -12.34 -13.67
CA ASN C 217 -3.57 -13.63 -14.31
C ASN C 217 -4.20 -14.77 -13.52
N THR C 218 -5.44 -14.56 -13.08
CA THR C 218 -6.17 -15.50 -12.26
C THR C 218 -7.26 -16.16 -13.08
N LYS C 219 -7.38 -17.49 -12.95
CA LYS C 219 -8.50 -18.25 -13.49
C LYS C 219 -8.99 -19.18 -12.39
N VAL C 220 -10.29 -19.13 -12.11
CA VAL C 220 -10.86 -19.90 -11.01
C VAL C 220 -12.10 -20.63 -11.51
N ASP C 221 -12.16 -21.92 -11.25
CA ASP C 221 -13.33 -22.75 -11.52
C ASP C 221 -14.00 -23.10 -10.20
N LYS C 222 -15.30 -22.90 -10.10
CA LYS C 222 -16.05 -23.23 -8.89
C LYS C 222 -17.23 -24.11 -9.23
N ARG C 223 -17.25 -25.28 -8.66
CA ARG C 223 -18.38 -26.16 -8.84
C ARG C 223 -19.50 -25.65 -7.93
N VAL C 224 -20.72 -25.69 -8.42
CA VAL C 224 -21.88 -25.16 -7.74
C VAL C 224 -22.93 -26.27 -7.68
N GLU C 225 -23.17 -26.80 -6.47
CA GLU C 225 -24.06 -27.93 -6.26
C GLU C 225 -24.93 -27.74 -5.03
N PRO C 226 -25.99 -28.54 -4.87
CA PRO C 226 -26.75 -28.50 -3.62
C PRO C 226 -25.84 -28.85 -2.41
N LYS C 227 -26.02 -28.30 -1.22
CA LYS C 227 -27.09 -27.38 -0.84
C LYS C 227 -26.55 -26.65 0.40
N ASP D 1 -14.60 21.71 -30.01
CA ASP D 1 -15.13 22.94 -29.45
C ASP D 1 -16.54 23.22 -29.96
N ILE D 2 -16.94 22.60 -31.08
CA ILE D 2 -18.36 22.63 -31.42
C ILE D 2 -19.08 21.76 -30.41
N VAL D 3 -20.09 22.33 -29.74
CA VAL D 3 -20.83 21.64 -28.69
C VAL D 3 -22.09 21.04 -29.30
N MET D 4 -22.30 19.75 -29.07
CA MET D 4 -23.46 19.02 -29.60
C MET D 4 -24.45 18.85 -28.46
N THR D 5 -25.66 19.38 -28.62
CA THR D 5 -26.70 19.26 -27.61
C THR D 5 -27.73 18.26 -28.12
N GLN D 6 -27.73 17.08 -27.51
CA GLN D 6 -28.62 16.00 -27.88
C GLN D 6 -29.80 15.95 -26.92
N SER D 7 -30.97 15.58 -27.43
CA SER D 7 -32.16 15.45 -26.56
C SER D 7 -33.16 14.45 -27.12
N PRO D 8 -33.84 13.69 -26.24
CA PRO D 8 -33.72 13.74 -24.77
C PRO D 8 -32.51 12.94 -24.30
N SER D 9 -32.18 13.02 -23.02
CA SER D 9 -31.10 12.20 -22.51
C SER D 9 -31.52 10.73 -22.43
N SER D 10 -32.81 10.48 -22.27
CA SER D 10 -33.33 9.14 -22.08
C SER D 10 -34.78 9.14 -22.53
N LEU D 11 -35.24 7.99 -23.02
CA LEU D 11 -36.65 7.82 -23.37
C LEU D 11 -37.02 6.36 -23.28
N SER D 12 -38.32 6.13 -23.08
CA SER D 12 -38.92 4.79 -23.09
C SER D 12 -40.04 4.77 -24.12
N ALA D 13 -40.09 3.73 -24.93
CA ALA D 13 -41.14 3.63 -25.95
C ALA D 13 -41.49 2.17 -26.20
N SER D 14 -42.72 1.95 -26.63
CA SER D 14 -43.19 0.59 -26.86
C SER D 14 -42.69 0.07 -28.20
N ILE D 15 -42.68 -1.27 -28.32
CA ILE D 15 -42.36 -1.90 -29.59
C ILE D 15 -43.33 -1.39 -30.65
N GLY D 16 -42.78 -1.00 -31.80
CA GLY D 16 -43.56 -0.41 -32.88
C GLY D 16 -43.66 1.10 -32.85
N ASP D 17 -43.34 1.73 -31.72
CA ASP D 17 -43.47 3.19 -31.63
C ASP D 17 -42.41 3.87 -32.49
N ARG D 18 -42.75 5.10 -32.89
CA ARG D 18 -41.84 5.99 -33.60
C ARG D 18 -41.05 6.79 -32.57
N VAL D 19 -39.73 6.70 -32.65
CA VAL D 19 -38.83 7.36 -31.71
C VAL D 19 -38.08 8.47 -32.42
N THR D 20 -37.90 9.59 -31.72
CA THR D 20 -37.29 10.80 -32.27
C THR D 20 -36.21 11.32 -31.32
N ILE D 21 -35.00 11.50 -31.85
CA ILE D 21 -33.89 12.07 -31.10
C ILE D 21 -33.35 13.25 -31.90
N THR D 22 -33.12 14.37 -31.24
CA THR D 22 -32.64 15.56 -31.91
C THR D 22 -31.22 15.89 -31.46
N CYS D 23 -30.48 16.55 -32.35
CA CYS D 23 -29.14 16.99 -32.09
C CYS D 23 -29.01 18.40 -32.64
N ARG D 24 -28.50 19.32 -31.84
CA ARG D 24 -28.33 20.71 -32.22
C ARG D 24 -26.89 21.11 -31.95
N PRO D 25 -26.08 21.31 -32.98
CA PRO D 25 -24.72 21.83 -32.78
C PRO D 25 -24.75 23.31 -32.43
N SER D 26 -23.65 23.76 -31.84
CA SER D 26 -23.50 25.15 -31.44
C SER D 26 -23.17 26.09 -32.60
N GLN D 27 -22.88 25.56 -33.78
CA GLN D 27 -22.78 26.36 -34.99
C GLN D 27 -23.20 25.48 -36.16
N ASN D 28 -23.43 26.13 -37.30
CA ASN D 28 -23.91 25.42 -38.47
C ASN D 28 -22.84 24.47 -39.00
N ILE D 29 -23.22 23.21 -39.23
CA ILE D 29 -22.27 22.19 -39.68
C ILE D 29 -22.71 21.55 -41.00
N ARG D 30 -23.60 22.21 -41.72
CA ARG D 30 -24.08 21.75 -43.03
C ARG D 30 -24.65 20.36 -42.82
N SER D 31 -24.21 19.35 -43.58
CA SER D 31 -24.69 17.99 -43.40
C SER D 31 -23.65 17.06 -42.78
N PHE D 32 -22.59 17.61 -42.20
CA PHE D 32 -21.48 16.81 -41.69
C PHE D 32 -21.81 16.34 -40.26
N LEU D 33 -22.70 15.35 -40.20
CA LEU D 33 -23.21 14.86 -38.92
C LEU D 33 -23.47 13.37 -39.05
N ASN D 34 -22.98 12.58 -38.09
CA ASN D 34 -23.18 11.14 -38.07
C ASN D 34 -23.94 10.72 -36.83
N TRP D 35 -24.60 9.57 -36.91
CA TRP D 35 -25.35 9.00 -35.80
C TRP D 35 -24.84 7.61 -35.49
N PHE D 36 -24.57 7.35 -34.22
CA PHE D 36 -24.02 6.08 -33.78
C PHE D 36 -24.98 5.37 -32.83
N GLN D 37 -24.90 4.04 -32.81
CA GLN D 37 -25.64 3.24 -31.86
C GLN D 37 -24.62 2.49 -31.00
N HIS D 38 -24.83 2.45 -29.69
CA HIS D 38 -23.92 1.72 -28.80
C HIS D 38 -24.69 0.81 -27.85
N LYS D 39 -24.70 -0.50 -28.17
CA LYS D 39 -25.27 -1.51 -27.28
C LYS D 39 -24.23 -1.90 -26.23
N PRO D 40 -24.65 -2.23 -25.01
CA PRO D 40 -23.69 -2.38 -23.91
C PRO D 40 -22.60 -3.40 -24.24
N GLY D 41 -21.35 -2.99 -24.08
CA GLY D 41 -20.20 -3.86 -24.28
C GLY D 41 -19.90 -4.24 -25.72
N LYS D 42 -20.66 -3.74 -26.69
CA LYS D 42 -20.40 -4.03 -28.09
C LYS D 42 -19.72 -2.85 -28.74
N ALA D 43 -19.16 -3.09 -29.91
CA ALA D 43 -18.55 -2.00 -30.66
C ALA D 43 -19.61 -0.98 -31.03
N PRO D 44 -19.40 0.31 -30.76
CA PRO D 44 -20.28 1.34 -31.32
C PRO D 44 -20.38 1.17 -32.83
N LYS D 45 -21.58 1.38 -33.36
CA LYS D 45 -21.91 1.12 -34.76
C LYS D 45 -22.40 2.39 -35.42
N LEU D 46 -21.83 2.72 -36.57
CA LEU D 46 -22.30 3.88 -37.33
C LEU D 46 -23.62 3.54 -38.04
N LEU D 47 -24.68 4.31 -37.76
CA LEU D 47 -25.98 4.11 -38.38
C LEU D 47 -26.19 5.01 -39.59
N ILE D 48 -25.92 6.29 -39.42
CA ILE D 48 -26.22 7.32 -40.44
C ILE D 48 -24.99 8.20 -40.57
N TYR D 49 -24.58 8.47 -41.80
CA TYR D 49 -23.50 9.43 -42.00
C TYR D 49 -23.95 10.53 -42.93
N ALA D 50 -23.30 11.69 -42.80
CA ALA D 50 -23.65 12.90 -43.56
C ALA D 50 -25.14 13.18 -43.51
N ALA D 51 -25.68 13.15 -42.28
CA ALA D 51 -27.03 13.57 -41.90
C ALA D 51 -28.12 12.58 -42.30
N SER D 52 -28.08 12.02 -43.52
CA SER D 52 -29.20 11.23 -44.02
C SER D 52 -28.84 9.94 -44.73
N ASN D 53 -27.57 9.55 -44.80
CA ASN D 53 -27.17 8.38 -45.60
C ASN D 53 -27.19 7.15 -44.72
N LEU D 54 -28.09 6.21 -45.03
CA LEU D 54 -28.14 4.96 -44.29
C LEU D 54 -26.90 4.13 -44.58
N GLN D 55 -26.21 3.73 -43.52
CA GLN D 55 -25.01 2.90 -43.65
C GLN D 55 -25.41 1.49 -44.09
N SER D 56 -24.49 0.81 -44.78
CA SER D 56 -24.75 -0.54 -45.30
C SER D 56 -24.98 -1.52 -44.16
N GLY D 57 -26.02 -2.35 -44.31
CA GLY D 57 -26.37 -3.32 -43.29
C GLY D 57 -27.27 -2.82 -42.19
N VAL D 58 -27.54 -1.52 -42.11
CA VAL D 58 -28.42 -0.97 -41.08
C VAL D 58 -29.87 -1.08 -41.54
N PRO D 59 -30.79 -1.55 -40.69
CA PRO D 59 -32.19 -1.66 -41.12
C PRO D 59 -32.80 -0.29 -41.42
N SER D 60 -33.67 -0.26 -42.42
CA SER D 60 -34.20 1.00 -42.92
C SER D 60 -35.16 1.69 -41.95
N ARG D 61 -35.53 1.05 -40.83
CA ARG D 61 -36.30 1.79 -39.82
C ARG D 61 -35.49 2.93 -39.20
N PHE D 62 -34.18 2.96 -39.39
CA PHE D 62 -33.35 4.05 -38.89
C PHE D 62 -33.23 5.11 -39.98
N SER D 63 -33.53 6.35 -39.64
CA SER D 63 -33.43 7.38 -40.68
C SER D 63 -32.99 8.70 -40.06
N GLY D 64 -32.16 9.42 -40.80
CA GLY D 64 -31.64 10.70 -40.36
C GLY D 64 -32.14 11.78 -41.28
N SER D 65 -32.38 12.95 -40.70
CA SER D 65 -32.87 14.08 -41.46
C SER D 65 -32.28 15.34 -40.84
N GLY D 66 -32.40 16.43 -41.57
CA GLY D 66 -31.96 17.72 -41.11
C GLY D 66 -30.60 18.11 -41.69
N SER D 67 -30.25 19.37 -41.45
CA SER D 67 -28.96 19.90 -41.83
C SER D 67 -28.82 21.27 -41.18
N GLY D 68 -27.58 21.72 -41.06
CA GLY D 68 -27.34 23.03 -40.49
C GLY D 68 -27.18 23.01 -38.98
N THR D 69 -28.24 23.32 -38.24
CA THR D 69 -28.18 23.34 -36.78
C THR D 69 -29.29 22.50 -36.14
N GLU D 70 -29.98 21.69 -36.92
CA GLU D 70 -31.00 20.79 -36.37
C GLU D 70 -30.98 19.48 -37.13
N PHE D 71 -30.80 18.38 -36.40
CA PHE D 71 -30.75 17.05 -36.98
C PHE D 71 -31.64 16.14 -36.15
N THR D 72 -32.26 15.18 -36.82
CA THR D 72 -33.16 14.23 -36.16
C THR D 72 -32.80 12.83 -36.60
N LEU D 73 -32.59 11.94 -35.63
CA LEU D 73 -32.58 10.51 -35.85
C LEU D 73 -33.96 9.96 -35.52
N THR D 74 -34.58 9.27 -36.46
CA THR D 74 -35.85 8.61 -36.24
C THR D 74 -35.65 7.11 -36.25
N ILE D 75 -36.26 6.44 -35.29
CA ILE D 75 -36.46 5.00 -35.34
C ILE D 75 -37.93 4.78 -35.63
N ARG D 76 -38.22 4.33 -36.86
CA ARG D 76 -39.59 4.41 -37.37
C ARG D 76 -40.52 3.42 -36.68
N SER D 77 -39.98 2.30 -36.19
CA SER D 77 -40.78 1.34 -35.42
C SER D 77 -39.83 0.58 -34.51
N LEU D 78 -39.81 0.98 -33.25
CA LEU D 78 -38.87 0.44 -32.26
C LEU D 78 -38.97 -1.08 -32.15
N GLN D 79 -37.82 -1.75 -32.16
CA GLN D 79 -37.74 -3.18 -31.95
C GLN D 79 -36.97 -3.48 -30.66
N PRO D 80 -37.21 -4.64 -30.03
CA PRO D 80 -36.54 -4.90 -28.74
C PRO D 80 -35.02 -4.81 -28.83
N GLU D 81 -34.45 -5.25 -29.95
CA GLU D 81 -33.00 -5.19 -30.12
C GLU D 81 -32.47 -3.77 -30.23
N ASP D 82 -33.35 -2.77 -30.33
CA ASP D 82 -32.90 -1.38 -30.48
C ASP D 82 -32.57 -0.73 -29.13
N PHE D 83 -32.69 -1.45 -28.03
CA PHE D 83 -32.17 -0.95 -26.77
C PHE D 83 -30.68 -0.64 -26.93
N ALA D 84 -30.32 0.61 -26.65
CA ALA D 84 -28.96 1.11 -26.88
C ALA D 84 -28.90 2.56 -26.42
N THR D 85 -27.69 3.11 -26.43
CA THR D 85 -27.48 4.53 -26.30
C THR D 85 -27.07 5.06 -27.67
N TYR D 86 -27.75 6.12 -28.13
CA TYR D 86 -27.52 6.68 -29.45
C TYR D 86 -26.77 7.99 -29.29
N TYR D 87 -25.84 8.27 -30.23
CA TYR D 87 -25.04 9.50 -30.18
C TYR D 87 -25.00 10.16 -31.55
N CYS D 88 -25.08 11.49 -31.56
CA CYS D 88 -24.69 12.27 -32.72
C CYS D 88 -23.23 12.67 -32.64
N GLN D 89 -22.63 12.93 -33.81
CA GLN D 89 -21.22 13.29 -33.91
C GLN D 89 -21.04 14.19 -35.13
N GLN D 90 -20.52 15.40 -34.91
CA GLN D 90 -20.22 16.30 -36.01
C GLN D 90 -18.84 16.01 -36.58
N SER D 91 -18.75 16.08 -37.91
CA SER D 91 -17.56 15.80 -38.69
C SER D 91 -17.17 17.01 -39.52
N TYR D 92 -17.56 18.20 -39.06
CA TYR D 92 -17.43 19.46 -39.77
C TYR D 92 -16.09 20.15 -39.48
N ASN D 93 -15.73 20.30 -38.22
CA ASN D 93 -14.43 20.86 -37.84
C ASN D 93 -13.79 19.97 -36.78
N THR D 94 -12.47 19.93 -36.81
CA THR D 94 -11.76 19.17 -35.78
C THR D 94 -11.72 20.02 -34.49
N PRO D 95 -11.78 19.37 -33.31
CA PRO D 95 -11.92 17.92 -33.19
C PRO D 95 -13.38 17.49 -33.39
N PRO D 96 -13.59 16.33 -34.01
CA PRO D 96 -14.92 15.71 -33.95
C PRO D 96 -15.43 15.71 -32.52
N THR D 97 -16.71 16.02 -32.35
CA THR D 97 -17.35 16.03 -31.03
C THR D 97 -18.66 15.29 -31.08
N PHE D 98 -19.06 14.76 -29.93
CA PHE D 98 -20.22 13.88 -29.79
C PHE D 98 -21.25 14.52 -28.89
N GLY D 99 -22.53 14.24 -29.19
CA GLY D 99 -23.57 14.48 -28.23
C GLY D 99 -23.40 13.61 -26.98
N GLN D 100 -24.04 14.02 -25.90
CA GLN D 100 -23.94 13.26 -24.66
C GLN D 100 -24.77 11.99 -24.67
N GLY D 101 -25.60 11.76 -25.69
CA GLY D 101 -26.23 10.46 -25.86
C GLY D 101 -27.69 10.44 -25.43
N THR D 102 -28.45 9.52 -26.01
CA THR D 102 -29.84 9.25 -25.65
C THR D 102 -29.98 7.76 -25.37
N LYS D 103 -30.29 7.40 -24.12
CA LYS D 103 -30.53 6.01 -23.75
C LYS D 103 -31.96 5.62 -24.10
N VAL D 104 -32.11 4.68 -25.03
CA VAL D 104 -33.43 4.22 -25.46
C VAL D 104 -33.76 2.91 -24.73
N GLU D 105 -34.85 2.93 -23.97
CA GLU D 105 -35.35 1.78 -23.23
C GLU D 105 -36.67 1.33 -23.85
N ILE D 106 -36.94 0.02 -23.79
CA ILE D 106 -38.13 -0.55 -24.39
C ILE D 106 -39.20 -0.68 -23.31
N LYS D 107 -40.41 -0.20 -23.61
CA LYS D 107 -41.58 -0.42 -22.76
C LYS D 107 -42.27 -1.70 -23.18
N ARG D 108 -42.62 -2.53 -22.21
CA ARG D 108 -43.34 -3.78 -22.50
C ARG D 108 -44.35 -4.04 -21.40
N THR D 109 -45.04 -5.17 -21.50
CA THR D 109 -46.01 -5.53 -20.48
C THR D 109 -45.33 -5.83 -19.15
N VAL D 110 -46.10 -5.67 -18.07
CA VAL D 110 -45.60 -5.98 -16.74
C VAL D 110 -45.24 -7.46 -16.63
N ALA D 111 -44.10 -7.74 -16.03
CA ALA D 111 -43.65 -9.10 -15.80
C ALA D 111 -43.13 -9.16 -14.37
N ALA D 112 -43.75 -10.00 -13.55
CA ALA D 112 -43.31 -10.10 -12.17
C ALA D 112 -41.98 -10.85 -12.10
N PRO D 113 -41.12 -10.50 -11.17
CA PRO D 113 -39.86 -11.21 -11.02
C PRO D 113 -40.05 -12.54 -10.31
N SER D 114 -39.20 -13.49 -10.67
CA SER D 114 -38.99 -14.67 -9.82
C SER D 114 -37.91 -14.33 -8.81
N VAL D 115 -38.11 -14.74 -7.56
CA VAL D 115 -37.24 -14.33 -6.45
C VAL D 115 -36.54 -15.56 -5.90
N PHE D 116 -35.23 -15.42 -5.60
CA PHE D 116 -34.40 -16.47 -5.02
C PHE D 116 -33.49 -15.85 -3.98
N ILE D 117 -33.23 -16.58 -2.90
CA ILE D 117 -32.31 -16.14 -1.86
C ILE D 117 -31.22 -17.18 -1.69
N PHE D 118 -29.97 -16.71 -1.48
CA PHE D 118 -28.83 -17.59 -1.38
C PHE D 118 -28.11 -17.30 -0.07
N PRO D 119 -27.86 -18.30 0.76
CA PRO D 119 -27.08 -18.08 1.99
C PRO D 119 -25.61 -17.94 1.68
N PRO D 120 -24.82 -17.38 2.60
CA PRO D 120 -23.37 -17.38 2.40
C PRO D 120 -22.83 -18.80 2.45
N SER D 121 -21.83 -19.06 1.64
CA SER D 121 -21.16 -20.35 1.66
C SER D 121 -20.31 -20.48 2.92
N ASP D 122 -20.13 -21.72 3.40
CA ASP D 122 -19.27 -21.93 4.56
C ASP D 122 -17.84 -21.50 4.28
N GLU D 123 -17.38 -21.66 3.03
CA GLU D 123 -16.03 -21.24 2.66
C GLU D 123 -15.83 -19.75 2.88
N GLN D 124 -16.83 -18.93 2.56
CA GLN D 124 -16.68 -17.49 2.77
C GLN D 124 -16.62 -17.13 4.24
N LEU D 125 -17.39 -17.83 5.08
CA LEU D 125 -17.43 -17.50 6.50
C LEU D 125 -16.05 -17.58 7.12
N LYS D 126 -15.21 -18.50 6.64
CA LYS D 126 -13.83 -18.60 7.12
C LYS D 126 -13.04 -17.31 6.90
N SER D 127 -13.52 -16.43 6.00
CA SER D 127 -12.86 -15.15 5.76
C SER D 127 -13.32 -14.06 6.72
N GLY D 128 -14.34 -14.32 7.54
CA GLY D 128 -14.86 -13.33 8.46
C GLY D 128 -15.98 -12.46 7.94
N THR D 129 -16.44 -12.70 6.70
CA THR D 129 -17.52 -11.93 6.10
C THR D 129 -18.58 -12.89 5.57
N ALA D 130 -19.84 -12.46 5.64
CA ALA D 130 -20.97 -13.22 5.13
C ALA D 130 -21.73 -12.37 4.11
N SER D 131 -21.84 -12.86 2.89
CA SER D 131 -22.65 -12.22 1.85
C SER D 131 -23.94 -13.01 1.63
N VAL D 132 -25.06 -12.33 1.71
CA VAL D 132 -26.37 -12.94 1.45
C VAL D 132 -26.90 -12.28 0.18
N VAL D 133 -27.31 -13.10 -0.78
CA VAL D 133 -27.70 -12.59 -2.10
C VAL D 133 -29.18 -12.88 -2.33
N CYS D 134 -29.88 -11.88 -2.86
CA CYS D 134 -31.25 -12.02 -3.32
C CYS D 134 -31.29 -11.72 -4.80
N LEU D 135 -31.93 -12.59 -5.57
CA LEU D 135 -32.03 -12.50 -7.02
C LEU D 135 -33.48 -12.22 -7.41
N LEU D 136 -33.69 -11.19 -8.23
CA LEU D 136 -34.97 -10.93 -8.90
C LEU D 136 -34.78 -11.13 -10.40
N ASN D 137 -35.47 -12.11 -10.97
CA ASN D 137 -35.13 -12.58 -12.30
C ASN D 137 -36.22 -12.23 -13.31
N ASN D 138 -35.81 -11.56 -14.39
CA ASN D 138 -36.60 -11.39 -15.62
C ASN D 138 -37.92 -10.66 -15.37
N PHE D 139 -37.80 -9.40 -14.95
CA PHE D 139 -38.99 -8.62 -14.64
C PHE D 139 -39.06 -7.34 -15.46
N TYR D 140 -40.23 -6.72 -15.43
CA TYR D 140 -40.48 -5.41 -16.02
C TYR D 140 -41.67 -4.79 -15.29
N PRO D 141 -41.59 -3.50 -14.96
CA PRO D 141 -40.49 -2.57 -15.24
C PRO D 141 -39.35 -2.65 -14.23
N ARG D 142 -38.35 -1.80 -14.45
CA ARG D 142 -37.10 -1.88 -13.69
C ARG D 142 -37.28 -1.52 -12.22
N GLU D 143 -38.24 -0.64 -11.90
CA GLU D 143 -38.40 -0.21 -10.52
C GLU D 143 -38.85 -1.36 -9.64
N ALA D 144 -38.16 -1.56 -8.52
CA ALA D 144 -38.51 -2.60 -7.57
C ALA D 144 -37.95 -2.22 -6.20
N LYS D 145 -38.67 -2.61 -5.16
CA LYS D 145 -38.20 -2.40 -3.80
C LYS D 145 -37.79 -3.74 -3.21
N VAL D 146 -36.58 -3.82 -2.69
CA VAL D 146 -36.05 -5.03 -2.10
C VAL D 146 -35.59 -4.72 -0.69
N GLN D 147 -36.22 -5.35 0.30
CA GLN D 147 -35.90 -5.14 1.70
C GLN D 147 -35.30 -6.40 2.30
N TRP D 148 -34.23 -6.22 3.07
CA TRP D 148 -33.64 -7.30 3.84
C TRP D 148 -34.20 -7.29 5.26
N LYS D 149 -34.46 -8.49 5.78
CA LYS D 149 -34.91 -8.59 7.16
C LYS D 149 -34.19 -9.74 7.83
N VAL D 150 -33.63 -9.46 9.00
CA VAL D 150 -32.89 -10.46 9.78
C VAL D 150 -33.64 -10.65 11.09
N ASP D 151 -34.15 -11.86 11.32
CA ASP D 151 -35.08 -12.12 12.41
C ASP D 151 -36.18 -11.05 12.42
N ASN D 152 -36.63 -10.69 11.21
CA ASN D 152 -37.72 -9.77 10.93
C ASN D 152 -37.40 -8.32 11.29
N ALA D 153 -36.16 -8.01 11.60
CA ALA D 153 -35.73 -6.62 11.78
C ALA D 153 -35.24 -6.09 10.43
N LEU D 154 -35.79 -4.95 10.01
CA LEU D 154 -35.42 -4.37 8.73
C LEU D 154 -33.98 -3.88 8.77
N GLN D 155 -33.24 -4.18 7.70
CA GLN D 155 -31.86 -3.76 7.57
C GLN D 155 -31.78 -2.46 6.78
N SER D 156 -30.75 -1.66 7.09
CA SER D 156 -30.48 -0.48 6.27
C SER D 156 -28.98 -0.20 6.26
N GLY D 157 -28.48 0.24 5.11
CA GLY D 157 -27.10 0.67 4.99
C GLY D 157 -26.09 -0.43 4.73
N ASN D 158 -26.51 -1.70 4.73
CA ASN D 158 -25.56 -2.80 4.60
C ASN D 158 -25.83 -3.68 3.38
N SER D 159 -26.47 -3.13 2.35
CA SER D 159 -26.67 -3.88 1.12
C SER D 159 -26.43 -2.99 -0.09
N GLN D 160 -26.06 -3.63 -1.22
CA GLN D 160 -25.91 -2.94 -2.51
C GLN D 160 -26.63 -3.74 -3.59
N GLU D 161 -27.22 -3.02 -4.54
CA GLU D 161 -27.95 -3.62 -5.64
C GLU D 161 -27.17 -3.48 -6.94
N SER D 162 -27.50 -4.36 -7.90
CA SER D 162 -26.95 -4.29 -9.24
C SER D 162 -28.04 -4.76 -10.18
N VAL D 163 -28.16 -4.10 -11.33
CA VAL D 163 -29.21 -4.43 -12.29
C VAL D 163 -28.57 -4.68 -13.66
N THR D 164 -29.03 -5.73 -14.33
CA THR D 164 -28.55 -5.98 -15.68
C THR D 164 -29.10 -4.93 -16.64
N GLU D 165 -28.42 -4.77 -17.78
CA GLU D 165 -29.01 -3.99 -18.85
C GLU D 165 -30.25 -4.70 -19.38
N GLN D 166 -31.14 -3.92 -19.99
CA GLN D 166 -32.37 -4.48 -20.53
C GLN D 166 -32.06 -5.55 -21.57
N ASP D 167 -32.73 -6.69 -21.44
CA ASP D 167 -32.49 -7.82 -22.34
C ASP D 167 -32.95 -7.47 -23.75
N SER D 168 -32.13 -7.84 -24.74
CA SER D 168 -32.33 -7.42 -26.12
C SER D 168 -33.43 -8.19 -26.84
N LYS D 169 -33.94 -9.28 -26.25
CA LYS D 169 -35.01 -10.06 -26.86
C LYS D 169 -36.33 -9.94 -26.11
N ASP D 170 -36.35 -10.12 -24.78
CA ASP D 170 -37.60 -10.05 -24.05
C ASP D 170 -37.78 -8.76 -23.26
N SER D 171 -36.81 -7.84 -23.33
CA SER D 171 -36.87 -6.50 -22.73
C SER D 171 -37.03 -6.54 -21.21
N THR D 172 -36.59 -7.60 -20.55
CA THR D 172 -36.71 -7.65 -19.11
C THR D 172 -35.40 -7.24 -18.44
N TYR D 173 -35.47 -7.09 -17.12
CA TYR D 173 -34.32 -6.81 -16.26
C TYR D 173 -34.18 -7.93 -15.25
N SER D 174 -32.97 -8.06 -14.73
CA SER D 174 -32.72 -8.86 -13.53
C SER D 174 -31.92 -8.02 -12.55
N LEU D 175 -32.04 -8.35 -11.27
CA LEU D 175 -31.49 -7.54 -10.20
C LEU D 175 -30.99 -8.42 -9.08
N SER D 176 -29.83 -8.06 -8.55
CA SER D 176 -29.28 -8.71 -7.37
C SER D 176 -29.21 -7.70 -6.24
N SER D 177 -29.52 -8.15 -5.03
CA SER D 177 -29.27 -7.38 -3.81
C SER D 177 -28.39 -8.23 -2.92
N THR D 178 -27.31 -7.65 -2.42
CA THR D 178 -26.32 -8.38 -1.64
C THR D 178 -26.19 -7.73 -0.27
N LEU D 179 -26.51 -8.50 0.77
CA LEU D 179 -26.41 -8.05 2.16
C LEU D 179 -25.08 -8.52 2.72
N THR D 180 -24.27 -7.60 3.23
CA THR D 180 -22.95 -7.93 3.74
C THR D 180 -22.92 -7.76 5.25
N LEU D 181 -22.49 -8.82 5.94
CA LEU D 181 -22.43 -8.86 7.39
C LEU D 181 -21.10 -9.46 7.82
N SER D 182 -20.66 -9.09 9.02
CA SER D 182 -19.57 -9.85 9.62
C SER D 182 -20.06 -11.25 9.97
N LYS D 183 -19.14 -12.21 9.95
CA LYS D 183 -19.46 -13.56 10.41
C LYS D 183 -20.05 -13.52 11.81
N ALA D 184 -19.50 -12.67 12.69
CA ALA D 184 -20.02 -12.58 14.05
C ALA D 184 -21.49 -12.15 14.05
N ASP D 185 -21.83 -11.13 13.25
CA ASP D 185 -23.22 -10.71 13.16
C ASP D 185 -24.10 -11.77 12.51
N TYR D 186 -23.58 -12.46 11.48
CA TYR D 186 -24.38 -13.48 10.80
C TYR D 186 -24.73 -14.64 11.73
N GLU D 187 -23.80 -15.04 12.60
CA GLU D 187 -24.08 -16.17 13.47
C GLU D 187 -24.95 -15.80 14.67
N LYS D 188 -25.19 -14.51 14.91
CA LYS D 188 -26.05 -14.10 16.02
C LYS D 188 -27.53 -14.17 15.71
N HIS D 189 -27.92 -14.42 14.46
CA HIS D 189 -29.32 -14.39 14.08
C HIS D 189 -29.68 -15.62 13.27
N LYS D 190 -30.98 -15.85 13.12
CA LYS D 190 -31.46 -17.11 12.57
C LYS D 190 -32.10 -16.93 11.20
N VAL D 191 -33.11 -16.07 11.08
CA VAL D 191 -33.94 -16.00 9.89
C VAL D 191 -33.45 -14.84 9.03
N TYR D 192 -33.12 -15.15 7.78
CA TYR D 192 -32.64 -14.18 6.81
C TYR D 192 -33.63 -14.12 5.66
N ALA D 193 -34.13 -12.93 5.36
CA ALA D 193 -35.23 -12.83 4.42
C ALA D 193 -35.05 -11.63 3.50
N CYS D 194 -35.45 -11.82 2.25
CA CYS D 194 -35.53 -10.78 1.23
C CYS D 194 -36.99 -10.62 0.87
N GLU D 195 -37.53 -9.40 0.99
CA GLU D 195 -38.91 -9.10 0.69
C GLU D 195 -38.98 -8.14 -0.50
N VAL D 196 -39.73 -8.55 -1.51
CA VAL D 196 -39.71 -7.91 -2.82
C VAL D 196 -41.07 -7.32 -3.11
N THR D 197 -41.10 -6.03 -3.44
CA THR D 197 -42.33 -5.36 -3.85
C THR D 197 -42.16 -4.88 -5.29
N HIS D 198 -43.14 -5.16 -6.14
CA HIS D 198 -43.02 -4.86 -7.55
C HIS D 198 -44.41 -4.78 -8.17
N GLN D 199 -44.52 -3.94 -9.19
CA GLN D 199 -45.83 -3.68 -9.82
C GLN D 199 -46.50 -4.97 -10.29
N GLY D 200 -45.73 -5.98 -10.65
CA GLY D 200 -46.29 -7.26 -11.04
C GLY D 200 -46.71 -8.18 -9.91
N LEU D 201 -46.49 -7.79 -8.66
CA LEU D 201 -46.84 -8.61 -7.50
C LEU D 201 -48.01 -7.96 -6.78
N SER D 202 -49.10 -8.72 -6.59
CA SER D 202 -50.26 -8.18 -5.90
C SER D 202 -49.97 -7.92 -4.42
N SER D 203 -49.08 -8.70 -3.83
CA SER D 203 -48.55 -8.47 -2.50
C SER D 203 -47.08 -8.87 -2.50
N PRO D 204 -46.29 -8.40 -1.52
CA PRO D 204 -44.86 -8.67 -1.54
C PRO D 204 -44.55 -10.16 -1.46
N VAL D 205 -43.45 -10.55 -2.11
CA VAL D 205 -42.94 -11.92 -2.10
C VAL D 205 -41.72 -11.95 -1.19
N THR D 206 -41.70 -12.86 -0.23
CA THR D 206 -40.57 -13.02 0.68
C THR D 206 -39.95 -14.39 0.50
N LYS D 207 -38.64 -14.42 0.25
CA LYS D 207 -37.88 -15.65 0.27
C LYS D 207 -36.96 -15.61 1.50
N SER D 208 -36.84 -16.75 2.20
CA SER D 208 -36.03 -16.74 3.42
C SER D 208 -35.35 -18.09 3.61
N PHE D 209 -34.35 -18.09 4.48
CA PHE D 209 -33.75 -19.33 4.98
C PHE D 209 -33.45 -19.15 6.46
N ASN D 210 -33.33 -20.29 7.16
CA ASN D 210 -32.85 -20.34 8.55
C ASN D 210 -31.40 -20.76 8.53
N ARG D 211 -30.53 -19.93 9.11
CA ARG D 211 -29.12 -20.27 9.21
C ARG D 211 -28.94 -21.65 9.84
N GLY D 212 -28.20 -22.50 9.15
CA GLY D 212 -27.91 -23.83 9.65
C GLY D 212 -28.97 -24.87 9.39
N GLU D 213 -29.70 -24.77 8.29
CA GLU D 213 -30.67 -25.81 7.94
C GLU D 213 -30.41 -26.23 6.51
#